data_8BJI
#
_entry.id   8BJI
#
_cell.length_a   81.974
_cell.length_b   62.854
_cell.length_c   93.588
_cell.angle_alpha   90.000
_cell.angle_beta   90.280
_cell.angle_gamma   90.000
#
_symmetry.space_group_name_H-M   'P 1 21 1'
#
loop_
_entity.id
_entity.type
_entity.pdbx_description
1 polymer 'Actin, alpha skeletal muscle, intermediate form'
2 polymer 'Putative Adenylate cyclase,Profilin-1'
3 non-polymer "ADENOSINE-5'-DIPHOSPHATE"
4 non-polymer 'MAGNESIUM ION'
5 non-polymer 2-AMINO-2-HYDROXYMETHYL-PROPANE-1,3-DIOL
6 non-polymer GLYCEROL
7 non-polymer DI(HYDROXYETHYL)ETHER
8 non-polymer 'HYDROGEN PEROXIDE'
9 non-polymer 'SULFATE ION'
10 water water
#
loop_
_entity_poly.entity_id
_entity_poly.type
_entity_poly.pdbx_seq_one_letter_code
_entity_poly.pdbx_strand_id
1 'polypeptide(L)'
;DEDETTALVCDNGSGLVKAGFAGDDAPRAVFPSIVGRPRHQGVMVGMGQKDSYVGDEAQSKRGILTLKYPIEHGIITNWD
DMEKIWHHTFYNELRVAPEEHPTLLTEAPLNPKANREKMTQIMFETFNVPAMYVAIQAVLSLYASGRTTGIVLDSGDGVT
HNVPIYEGYALPHAIMRLDLAGRDLTDYLMKILTERGYSFVTTAEREIVRDIKEKLCYVALDFENEMATAASSSSLEKSY
ELPDGQVITIGNERFRCPETLFQPSFIGMESAGIHETTYNSIMKCDIDIRKDLYANNVMSGGTTMYPGIADRMQKEITAL
APSTMKIKIIAPPERKYSVWIGGSILASLSTFQQMWITKQEYDEAGPSIVHRKCF
;
A
2 'polypeptide(L)'
;GPGSQEATPNQDGSHKTYQSRDLVLEPIQHPKSIELGMPEVDQSVLAEVAERENVIIGVRPVDEKSKSLIASKMYSSKGL
FVKAKSSDWGPMSGFIPVDQSFAKASARRDLEKFNEYAEQSILSGNAVSANLYLNQVRIEELVSKYESLTPLELDVDSGM
YKTTATNGDQTIPFFLNKVTVDDKELWQVHYLREGELAPFKVIGDPVSKQPMTADYDLLTVMYTYGDLGPQDKVKQPLTW
EQWKESVTYEDLSPKYKARYDNQALYEKQDGASLGMVSDRLKELKDVINTSLGRTDGLEMVHHGADDANPYAVMADNFPA
TFFVPKHFFDDDGLGEGKGSIQTYFNVNEQGAVVIQNPQEFSNFQQVAINASYRASLNDKWNSGLDSPLFTTKRKLSHDY
LDARDEVAKKLGLTESSKLNGLGERQTMSPAQNSDVNTWARVDVSPPPPPGGAGWNAYIDNLMADGTCQDAAIVGYKDSP
SVWAAVPGKTFVNITPAEVGVLVGKDRSSFYVNGLTLGGQKCSVIRDSLLQDGEFSMDLRTKSTGGAPTFNVTVTKTDKT
LVLLMGKEGVHGGLINKKCYEMASHLRRSQY
;
B
#
loop_
_chem_comp.id
_chem_comp.type
_chem_comp.name
_chem_comp.formula
ADP non-polymer ADENOSINE-5'-DIPHOSPHATE 'C10 H15 N5 O10 P2'
GOL non-polymer GLYCEROL 'C3 H8 O3'
MG non-polymer 'MAGNESIUM ION' 'Mg 2'
PEG non-polymer DI(HYDROXYETHYL)ETHER 'C4 H10 O3'
PEO non-polymer 'HYDROGEN PEROXIDE' 'H2 O2'
SO4 non-polymer 'SULFATE ION' 'O4 S -2'
TRS non-polymer 2-AMINO-2-HYDROXYMETHYL-PROPANE-1,3-DIOL 'C4 H12 N O3 1'
#
# COMPACT_ATOMS: atom_id res chain seq x y z
N THR A 5 -13.11 15.43 12.56
CA THR A 5 -12.35 15.79 11.36
C THR A 5 -11.15 14.84 11.16
N THR A 6 -10.86 14.48 9.91
CA THR A 6 -9.74 13.58 9.61
C THR A 6 -8.59 14.39 9.02
N ALA A 7 -7.37 14.14 9.47
CA ALA A 7 -6.21 14.82 8.90
C ALA A 7 -5.91 14.20 7.54
N LEU A 8 -5.37 15.00 6.61
CA LEU A 8 -4.93 14.51 5.31
C LEU A 8 -3.42 14.25 5.39
N VAL A 9 -2.93 13.27 4.62
CA VAL A 9 -1.48 12.95 4.59
C VAL A 9 -1.06 12.95 3.14
N CYS A 10 -0.17 13.86 2.75
CA CYS A 10 0.29 13.94 1.37
C CYS A 10 1.78 13.79 1.26
N ASP A 11 2.23 12.69 0.68
CA ASP A 11 3.64 12.42 0.48
C ASP A 11 3.99 12.87 -0.91
N ASN A 12 4.72 13.97 -1.00
CA ASN A 12 5.13 14.67 -2.22
C ASN A 12 6.34 13.97 -2.84
N GLY A 13 6.13 12.78 -3.45
CA GLY A 13 7.24 12.03 -4.00
C GLY A 13 7.87 12.59 -5.26
N SER A 14 9.18 12.36 -5.43
CA SER A 14 9.89 12.79 -6.65
C SER A 14 9.29 12.20 -7.93
N GLY A 15 8.70 11.02 -7.81
CA GLY A 15 8.07 10.35 -8.95
C GLY A 15 6.59 10.17 -8.79
N LEU A 16 6.14 9.82 -7.56
CA LEU A 16 4.75 9.56 -7.29
C LEU A 16 4.23 10.31 -6.06
N VAL A 17 3.05 10.86 -6.17
CA VAL A 17 2.35 11.45 -5.04
C VAL A 17 1.57 10.30 -4.42
N LYS A 18 1.68 10.10 -3.08
CA LYS A 18 0.93 9.11 -2.33
C LYS A 18 0.11 9.97 -1.36
N ALA A 19 -1.22 9.91 -1.45
CA ALA A 19 -2.07 10.74 -0.61
C ALA A 19 -3.24 9.96 -0.04
N GLY A 20 -3.76 10.42 1.09
CA GLY A 20 -4.90 9.78 1.72
C GLY A 20 -5.27 10.39 3.05
N PHE A 21 -5.86 9.60 3.92
CA PHE A 21 -6.37 10.07 5.20
C PHE A 21 -5.65 9.46 6.36
N ALA A 22 -5.35 10.27 7.41
CA ALA A 22 -4.70 9.76 8.62
C ALA A 22 -5.63 8.72 9.27
N GLY A 23 -5.05 7.64 9.76
CA GLY A 23 -5.83 6.57 10.36
C GLY A 23 -6.06 5.40 9.42
N ASP A 24 -5.80 5.58 8.11
CA ASP A 24 -5.90 4.49 7.14
C ASP A 24 -4.53 3.80 7.01
N ASP A 25 -4.50 2.50 6.66
CA ASP A 25 -3.22 1.79 6.55
C ASP A 25 -2.63 1.79 5.13
N ALA A 26 -3.22 2.56 4.21
CA ALA A 26 -2.75 2.66 2.83
C ALA A 26 -3.21 3.97 2.21
N PRO A 27 -2.45 4.53 1.25
CA PRO A 27 -2.92 5.75 0.59
C PRO A 27 -4.12 5.44 -0.30
N ARG A 28 -5.00 6.41 -0.47
CA ARG A 28 -6.13 6.27 -1.38
C ARG A 28 -5.73 6.61 -2.80
N ALA A 29 -4.74 7.49 -2.97
CA ALA A 29 -4.37 7.99 -4.30
C ALA A 29 -2.87 7.89 -4.51
N VAL A 30 -2.43 7.28 -5.63
CA VAL A 30 -1.03 7.17 -6.01
C VAL A 30 -0.96 7.58 -7.49
N PHE A 31 -0.26 8.68 -7.80
CA PHE A 31 -0.20 9.17 -9.18
C PHE A 31 1.10 9.89 -9.47
N PRO A 32 1.52 9.98 -10.76
CA PRO A 32 2.78 10.66 -11.09
C PRO A 32 2.83 12.16 -10.75
N SER A 33 3.98 12.62 -10.19
CA SER A 33 4.20 14.01 -9.82
C SER A 33 4.59 14.77 -11.10
N ILE A 34 3.64 14.87 -12.04
CA ILE A 34 3.87 15.47 -13.34
C ILE A 34 2.78 16.53 -13.63
N VAL A 35 3.17 17.65 -14.24
CA VAL A 35 2.28 18.73 -14.62
C VAL A 35 2.57 19.02 -16.09
N GLY A 36 1.54 19.07 -16.90
CA GLY A 36 1.69 19.36 -18.31
C GLY A 36 0.95 20.63 -18.69
N ARG A 37 1.61 21.49 -19.46
CA ARG A 37 1.04 22.75 -19.96
C ARG A 37 1.18 22.79 -21.48
N PRO A 38 0.21 23.38 -22.21
CA PRO A 38 0.34 23.45 -23.68
C PRO A 38 1.69 23.96 -24.19
N ARG A 39 2.24 23.30 -25.22
CA ARG A 39 3.52 23.70 -25.81
C ARG A 39 3.41 25.02 -26.58
N HIS A 40 2.22 25.35 -27.09
CA HIS A 40 2.01 26.60 -27.81
C HIS A 40 1.23 27.59 -26.94
N GLN A 41 1.80 28.78 -26.73
CA GLN A 41 1.14 29.80 -25.93
C GLN A 41 0.42 30.83 -26.81
N GLY A 42 -0.84 30.56 -27.09
CA GLY A 42 -1.68 31.44 -27.89
C GLY A 42 -3.11 31.43 -27.43
N VAL A 43 -3.97 30.68 -28.13
CA VAL A 43 -5.39 30.57 -27.79
C VAL A 43 -5.68 29.16 -27.27
N GLN A 49 -9.64 23.80 -23.28
CA GLN A 49 -10.35 22.82 -22.48
C GLN A 49 -9.91 22.93 -21.01
N LYS A 50 -8.58 22.91 -20.77
CA LYS A 50 -7.96 23.02 -19.45
C LYS A 50 -6.58 23.66 -19.62
N ASP A 51 -6.21 24.62 -18.76
CA ASP A 51 -4.91 25.29 -18.88
C ASP A 51 -3.71 24.41 -18.44
N SER A 52 -3.99 23.30 -17.74
CA SER A 52 -2.94 22.41 -17.25
C SER A 52 -3.50 21.02 -16.94
N TYR A 53 -2.62 20.00 -16.92
CA TYR A 53 -3.01 18.63 -16.60
C TYR A 53 -2.06 18.02 -15.58
N VAL A 54 -2.55 17.12 -14.72
CA VAL A 54 -1.73 16.52 -13.67
C VAL A 54 -1.76 14.99 -13.75
N GLY A 55 -0.60 14.37 -13.54
CA GLY A 55 -0.48 12.93 -13.47
C GLY A 55 -0.67 12.17 -14.76
N ASP A 56 -1.42 11.09 -14.71
CA ASP A 56 -1.71 10.20 -15.83
C ASP A 56 -2.31 10.93 -17.03
N GLU A 57 -3.17 11.92 -16.79
CA GLU A 57 -3.81 12.69 -17.85
C GLU A 57 -2.76 13.50 -18.59
N ALA A 58 -1.77 14.07 -17.87
CA ALA A 58 -0.71 14.83 -18.52
C ALA A 58 0.17 13.93 -19.39
N GLN A 59 0.45 12.70 -18.91
CA GLN A 59 1.28 11.75 -19.64
CA GLN A 59 1.27 11.73 -19.63
C GLN A 59 0.61 11.32 -20.94
N SER A 60 -0.70 11.09 -20.91
CA SER A 60 -1.47 10.68 -22.08
CA SER A 60 -1.47 10.68 -22.08
C SER A 60 -1.57 11.78 -23.15
N LYS A 61 -1.56 13.04 -22.72
CA LYS A 61 -1.64 14.19 -23.63
C LYS A 61 -0.26 14.82 -23.87
N ARG A 62 0.84 14.05 -23.68
CA ARG A 62 2.22 14.53 -23.85
C ARG A 62 2.54 15.09 -25.25
N GLY A 63 1.83 14.63 -26.28
CA GLY A 63 2.03 15.15 -27.64
C GLY A 63 1.57 16.59 -27.77
N ILE A 64 0.60 16.99 -26.93
CA ILE A 64 -0.04 18.31 -26.86
C ILE A 64 0.65 19.21 -25.81
N LEU A 65 1.25 18.59 -24.76
CA LEU A 65 1.81 19.33 -23.64
C LEU A 65 3.33 19.24 -23.46
N THR A 66 3.89 20.23 -22.79
CA THR A 66 5.28 20.27 -22.36
C THR A 66 5.18 19.75 -20.90
N LEU A 67 5.81 18.62 -20.60
CA LEU A 67 5.71 18.02 -19.27
C LEU A 67 6.80 18.45 -18.35
N LYS A 68 6.42 18.82 -17.12
CA LYS A 68 7.38 19.20 -16.10
C LYS A 68 7.21 18.34 -14.86
N TYR A 69 8.34 18.15 -14.20
CA TYR A 69 8.51 17.29 -13.03
C TYR A 69 8.95 18.27 -11.97
N PRO A 70 7.99 18.84 -11.23
CA PRO A 70 8.34 19.92 -10.29
C PRO A 70 9.04 19.48 -9.01
N ILE A 71 9.16 18.16 -8.77
CA ILE A 71 9.84 17.63 -7.56
C ILE A 71 10.86 16.55 -8.01
N GLU A 72 11.37 16.64 -9.25
CA GLU A 72 12.25 15.67 -9.92
C GLU A 72 13.29 14.99 -9.03
N HIS A 73 13.98 15.75 -8.19
CA HIS A 73 15.02 15.21 -7.33
C HIS A 73 14.69 15.29 -5.83
N GLY A 74 13.41 15.33 -5.49
CA GLY A 74 12.96 15.37 -4.10
C GLY A 74 12.62 16.76 -3.60
N ILE A 75 13.30 17.79 -4.15
CA ILE A 75 13.11 19.18 -3.77
CA ILE A 75 13.07 19.16 -3.74
C ILE A 75 12.20 19.90 -4.76
N ILE A 76 11.15 20.56 -4.27
CA ILE A 76 10.23 21.29 -5.15
C ILE A 76 10.95 22.45 -5.82
N THR A 77 10.88 22.58 -7.14
CA THR A 77 11.56 23.68 -7.83
C THR A 77 10.60 24.65 -8.55
N ASN A 78 9.36 24.25 -8.77
CA ASN A 78 8.39 25.10 -9.44
C ASN A 78 7.12 25.13 -8.61
N TRP A 79 6.84 26.28 -8.01
CA TRP A 79 5.69 26.40 -7.11
C TRP A 79 4.37 26.48 -7.84
N ASP A 80 4.33 27.02 -9.06
CA ASP A 80 3.08 27.08 -9.83
C ASP A 80 2.63 25.65 -10.17
N ASP A 81 3.57 24.80 -10.60
CA ASP A 81 3.25 23.40 -10.91
C ASP A 81 2.92 22.64 -9.64
N MET A 82 3.63 22.92 -8.53
CA MET A 82 3.35 22.22 -7.28
C MET A 82 1.94 22.52 -6.79
N GLU A 83 1.49 23.78 -6.91
CA GLU A 83 0.13 24.16 -6.51
C GLU A 83 -0.91 23.39 -7.32
N LYS A 84 -0.64 23.14 -8.62
CA LYS A 84 -1.54 22.36 -9.46
C LYS A 84 -1.61 20.92 -8.98
N ILE A 85 -0.45 20.36 -8.57
CA ILE A 85 -0.42 19.01 -8.01
C ILE A 85 -1.25 18.91 -6.71
N TRP A 86 -1.11 19.88 -5.82
CA TRP A 86 -1.88 19.86 -4.56
C TRP A 86 -3.37 20.09 -4.81
N HIS A 87 -3.70 20.97 -5.75
CA HIS A 87 -5.09 21.22 -6.11
C HIS A 87 -5.71 19.92 -6.67
N HIS A 88 -4.97 19.23 -7.54
CA HIS A 88 -5.41 17.96 -8.10
C HIS A 88 -5.58 16.91 -6.99
N THR A 89 -4.63 16.84 -6.06
CA THR A 89 -4.68 15.90 -4.95
C THR A 89 -5.92 16.08 -4.09
N PHE A 90 -6.21 17.33 -3.69
CA PHE A 90 -7.34 17.62 -2.82
C PHE A 90 -8.67 17.45 -3.53
N TYR A 91 -8.87 18.18 -4.62
CA TYR A 91 -10.13 18.21 -5.31
C TYR A 91 -10.44 17.03 -6.23
N ASN A 92 -9.46 16.51 -6.96
CA ASN A 92 -9.71 15.43 -7.92
C ASN A 92 -9.45 14.04 -7.39
N GLU A 93 -8.40 13.87 -6.57
CA GLU A 93 -8.08 12.54 -6.04
C GLU A 93 -8.79 12.23 -4.75
N LEU A 94 -8.63 13.08 -3.72
CA LEU A 94 -9.26 12.83 -2.43
C LEU A 94 -10.71 13.32 -2.34
N ARG A 95 -11.10 14.25 -3.21
CA ARG A 95 -12.42 14.86 -3.23
C ARG A 95 -12.74 15.51 -1.91
N VAL A 96 -11.83 16.39 -1.40
CA VAL A 96 -12.04 17.06 -0.11
C VAL A 96 -11.89 18.59 -0.25
N ALA A 97 -12.41 19.35 0.73
CA ALA A 97 -12.24 20.81 0.76
C ALA A 97 -11.09 21.03 1.74
N PRO A 98 -9.89 21.43 1.25
CA PRO A 98 -8.70 21.54 2.14
C PRO A 98 -8.89 22.39 3.38
N GLU A 99 -9.77 23.39 3.30
CA GLU A 99 -9.99 24.26 4.46
C GLU A 99 -10.65 23.54 5.65
N GLU A 100 -11.16 22.32 5.45
CA GLU A 100 -11.78 21.55 6.54
C GLU A 100 -10.81 20.54 7.19
N HIS A 101 -9.57 20.39 6.67
CA HIS A 101 -8.69 19.35 7.19
C HIS A 101 -7.30 19.80 7.57
N PRO A 102 -6.82 19.43 8.78
CA PRO A 102 -5.39 19.61 9.08
C PRO A 102 -4.60 18.71 8.09
N THR A 103 -3.48 19.21 7.57
CA THR A 103 -2.76 18.53 6.52
C THR A 103 -1.31 18.26 6.85
N LEU A 104 -0.93 17.00 6.84
CA LEU A 104 0.45 16.60 7.05
C LEU A 104 1.12 16.47 5.68
N LEU A 105 2.15 17.25 5.42
CA LEU A 105 2.89 17.15 4.16
C LEU A 105 4.23 16.50 4.44
N THR A 106 4.78 15.72 3.47
CA THR A 106 6.14 15.19 3.67
C THR A 106 7.16 16.08 2.89
N GLU A 107 8.41 16.01 3.30
CA GLU A 107 9.46 16.75 2.63
C GLU A 107 10.71 15.87 2.53
N ALA A 108 11.55 16.22 1.55
CA ALA A 108 12.80 15.53 1.39
C ALA A 108 13.72 15.86 2.55
N PRO A 109 14.62 14.92 2.88
CA PRO A 109 15.71 15.25 3.82
C PRO A 109 16.52 16.44 3.25
N LEU A 110 16.97 17.34 4.14
CA LEU A 110 17.74 18.52 3.77
C LEU A 110 16.96 19.53 2.87
N ASN A 111 15.63 19.55 2.98
CA ASN A 111 14.79 20.49 2.22
C ASN A 111 15.18 21.92 2.64
N PRO A 112 15.57 22.80 1.70
CA PRO A 112 15.99 24.18 2.09
C PRO A 112 14.91 24.91 2.87
N LYS A 113 15.33 25.80 3.77
CA LYS A 113 14.44 26.64 4.58
C LYS A 113 13.43 27.44 3.74
N ALA A 114 13.87 28.07 2.64
CA ALA A 114 12.99 28.86 1.78
C ALA A 114 11.87 27.98 1.21
N ASN A 115 12.20 26.73 0.90
CA ASN A 115 11.23 25.78 0.33
C ASN A 115 10.17 25.39 1.33
N ARG A 116 10.56 25.04 2.57
CA ARG A 116 9.54 24.62 3.55
C ARG A 116 8.70 25.83 4.00
N GLU A 117 9.26 27.05 3.99
CA GLU A 117 8.50 28.29 4.23
C GLU A 117 7.44 28.50 3.13
N LYS A 118 7.85 28.30 1.86
CA LYS A 118 6.93 28.47 0.72
C LYS A 118 5.83 27.43 0.78
N MET A 119 6.16 26.17 1.17
CA MET A 119 5.15 25.14 1.29
CA MET A 119 5.18 25.09 1.32
C MET A 119 4.10 25.53 2.35
N THR A 120 4.58 26.07 3.48
CA THR A 120 3.73 26.53 4.59
C THR A 120 2.83 27.70 4.14
N GLN A 121 3.41 28.68 3.45
CA GLN A 121 2.67 29.84 2.94
C GLN A 121 1.57 29.38 1.98
N ILE A 122 1.88 28.46 1.04
CA ILE A 122 0.86 27.94 0.11
C ILE A 122 -0.30 27.25 0.83
N MET A 123 -0.01 26.36 1.81
CA MET A 123 -1.08 25.66 2.51
C MET A 123 -2.03 26.62 3.22
N PHE A 124 -1.49 27.64 3.90
CA PHE A 124 -2.31 28.58 4.63
C PHE A 124 -2.95 29.65 3.75
N GLU A 125 -2.19 30.24 2.81
CA GLU A 125 -2.72 31.33 1.99
C GLU A 125 -3.47 30.90 0.74
N THR A 126 -3.05 29.82 0.08
CA THR A 126 -3.73 29.33 -1.11
C THR A 126 -4.83 28.37 -0.76
N PHE A 127 -4.56 27.36 0.09
CA PHE A 127 -5.55 26.33 0.39
C PHE A 127 -6.36 26.58 1.65
N ASN A 128 -5.93 27.52 2.50
CA ASN A 128 -6.63 27.86 3.73
C ASN A 128 -6.84 26.68 4.66
N VAL A 129 -5.82 25.79 4.78
CA VAL A 129 -5.93 24.67 5.72
C VAL A 129 -5.99 25.22 7.16
N PRO A 130 -6.75 24.56 8.05
CA PRO A 130 -6.82 25.05 9.42
C PRO A 130 -5.51 24.82 10.20
N ALA A 131 -4.73 23.80 9.81
CA ALA A 131 -3.48 23.46 10.46
C ALA A 131 -2.64 22.59 9.52
N MET A 132 -1.33 22.59 9.73
CA MET A 132 -0.44 21.76 8.94
C MET A 132 0.86 21.43 9.67
N TYR A 133 1.59 20.46 9.12
CA TYR A 133 2.87 20.06 9.66
C TYR A 133 3.68 19.53 8.47
N VAL A 134 4.99 19.68 8.54
CA VAL A 134 5.88 19.16 7.50
C VAL A 134 6.81 18.15 8.17
N ALA A 135 6.79 16.89 7.71
CA ALA A 135 7.65 15.87 8.31
C ALA A 135 8.63 15.32 7.27
N ILE A 136 9.86 15.02 7.69
CA ILE A 136 10.86 14.44 6.77
C ILE A 136 10.40 13.02 6.44
N GLN A 137 10.40 12.66 5.15
CA GLN A 137 9.94 11.36 4.66
C GLN A 137 10.55 10.17 5.39
N ALA A 138 11.89 10.12 5.52
CA ALA A 138 12.56 9.02 6.24
C ALA A 138 12.08 8.79 7.68
N VAL A 139 11.76 9.87 8.39
CA VAL A 139 11.33 9.77 9.79
C VAL A 139 10.00 9.02 9.86
N LEU A 140 9.09 9.32 8.94
CA LEU A 140 7.80 8.64 8.87
C LEU A 140 7.98 7.16 8.57
N SER A 141 8.93 6.79 7.69
CA SER A 141 9.19 5.35 7.44
C SER A 141 9.69 4.64 8.68
N LEU A 142 10.52 5.33 9.47
CA LEU A 142 11.00 4.74 10.73
C LEU A 142 9.82 4.49 11.67
N TYR A 143 8.87 5.45 11.77
CA TYR A 143 7.67 5.29 12.61
C TYR A 143 6.80 4.12 12.13
N ALA A 144 6.69 3.92 10.81
CA ALA A 144 5.91 2.82 10.22
C ALA A 144 6.51 1.44 10.61
N SER A 145 7.83 1.39 10.91
CA SER A 145 8.49 0.17 11.38
C SER A 145 8.37 -0.01 12.92
N GLY A 146 7.65 0.89 13.60
CA GLY A 146 7.45 0.84 15.06
C GLY A 146 8.67 1.29 15.85
N ARG A 147 9.51 2.13 15.24
CA ARG A 147 10.75 2.63 15.85
C ARG A 147 10.79 4.14 15.90
N THR A 148 11.62 4.70 16.80
CA THR A 148 11.87 6.14 16.81
C THR A 148 13.37 6.44 16.66
N THR A 149 14.27 5.44 16.78
CA THR A 149 15.69 5.63 16.57
C THR A 149 16.17 4.54 15.58
N GLY A 150 16.99 4.96 14.63
CA GLY A 150 17.55 4.07 13.63
C GLY A 150 18.01 4.86 12.43
N ILE A 151 18.47 4.17 11.40
CA ILE A 151 18.95 4.83 10.18
C ILE A 151 18.13 4.30 9.00
N VAL A 152 17.52 5.19 8.25
CA VAL A 152 16.67 4.82 7.12
C VAL A 152 17.44 4.95 5.81
N LEU A 153 17.26 3.99 4.90
CA LEU A 153 17.81 4.11 3.54
C LEU A 153 16.53 4.26 2.74
N ASP A 154 16.29 5.43 2.16
CA ASP A 154 15.07 5.68 1.40
C ASP A 154 15.48 5.85 -0.03
N SER A 155 15.09 4.92 -0.90
CA SER A 155 15.42 5.02 -2.32
C SER A 155 14.12 5.06 -3.10
N GLY A 156 13.84 6.21 -3.70
CA GLY A 156 12.61 6.43 -4.41
C GLY A 156 12.75 6.44 -5.91
N ASP A 157 12.23 7.48 -6.54
CA ASP A 157 12.27 7.59 -7.99
C ASP A 157 13.44 8.42 -8.45
N GLY A 158 13.58 9.63 -7.93
CA GLY A 158 14.63 10.55 -8.36
C GLY A 158 15.78 10.76 -7.41
N VAL A 159 15.65 10.27 -6.15
CA VAL A 159 16.73 10.50 -5.17
C VAL A 159 16.74 9.41 -4.11
N THR A 160 17.91 9.18 -3.52
CA THR A 160 18.14 8.25 -2.44
C THR A 160 18.82 9.02 -1.29
N HIS A 161 18.42 8.73 -0.03
CA HIS A 161 19.07 9.34 1.13
C HIS A 161 19.28 8.30 2.21
N ASN A 162 20.33 8.50 3.01
CA ASN A 162 20.59 7.80 4.26
C ASN A 162 20.23 8.84 5.32
N VAL A 163 19.28 8.52 6.22
CA VAL A 163 18.83 9.47 7.23
C VAL A 163 18.87 8.84 8.62
N PRO A 164 19.85 9.25 9.44
CA PRO A 164 19.91 8.72 10.82
C PRO A 164 18.97 9.56 11.69
N ILE A 165 18.27 8.91 12.63
CA ILE A 165 17.21 9.55 13.40
C ILE A 165 17.31 9.17 14.86
N TYR A 166 17.25 10.17 15.75
CA TYR A 166 17.35 9.96 17.17
C TYR A 166 16.04 10.35 17.83
N GLU A 167 15.27 9.36 18.30
CA GLU A 167 14.00 9.64 18.99
C GLU A 167 13.02 10.49 18.17
N GLY A 168 12.95 10.23 16.88
CA GLY A 168 12.03 10.97 16.00
C GLY A 168 12.62 12.19 15.30
N TYR A 169 13.87 12.53 15.64
CA TYR A 169 14.51 13.72 15.11
C TYR A 169 15.60 13.33 14.13
N ALA A 170 15.44 13.68 12.85
CA ALA A 170 16.48 13.42 11.86
C ALA A 170 17.72 14.26 12.25
N LEU A 171 18.91 13.75 11.97
CA LEU A 171 20.14 14.46 12.31
C LEU A 171 20.71 15.00 11.02
N PRO A 172 20.40 16.26 10.64
CA PRO A 172 20.79 16.74 9.31
C PRO A 172 22.27 16.76 9.01
N HIS A 173 23.15 16.98 10.01
CA HIS A 173 24.59 17.00 9.72
C HIS A 173 25.09 15.64 9.20
N ALA A 174 24.33 14.57 9.46
CA ALA A 174 24.74 13.22 9.11
C ALA A 174 23.98 12.60 7.93
N ILE A 175 23.04 13.36 7.33
CA ILE A 175 22.26 12.82 6.21
C ILE A 175 23.13 12.75 4.97
N MET A 176 23.02 11.67 4.21
CA MET A 176 23.76 11.49 2.96
C MET A 176 22.76 11.41 1.84
N ARG A 177 23.07 12.00 0.70
CA ARG A 177 22.21 11.95 -0.46
C ARG A 177 22.95 11.28 -1.62
N LEU A 178 22.25 10.47 -2.40
CA LEU A 178 22.76 9.81 -3.61
C LEU A 178 21.80 10.20 -4.71
N ASP A 179 22.31 10.87 -5.76
CA ASP A 179 21.53 11.36 -6.89
C ASP A 179 21.20 10.26 -7.89
N LEU A 180 20.70 9.16 -7.39
CA LEU A 180 20.30 8.03 -8.22
C LEU A 180 19.30 7.22 -7.48
N ALA A 181 18.26 6.82 -8.19
CA ALA A 181 17.21 6.03 -7.60
C ALA A 181 16.48 5.24 -8.77
N GLY A 182 15.21 4.85 -8.62
CA GLY A 182 14.46 4.05 -9.60
C GLY A 182 14.48 4.53 -11.03
N ARG A 183 14.37 5.85 -11.26
CA ARG A 183 14.36 6.40 -12.60
C ARG A 183 15.66 6.05 -13.33
N ASP A 184 16.80 6.21 -12.65
CA ASP A 184 18.11 5.90 -13.18
C ASP A 184 18.29 4.39 -13.43
N LEU A 185 17.73 3.56 -12.57
CA LEU A 185 17.77 2.11 -12.73
C LEU A 185 16.94 1.69 -13.95
N THR A 186 15.79 2.35 -14.19
CA THR A 186 14.97 2.02 -15.37
C THR A 186 15.74 2.43 -16.62
N ASP A 187 16.34 3.62 -16.61
CA ASP A 187 17.13 4.08 -17.76
C ASP A 187 18.32 3.21 -18.03
N TYR A 188 18.98 2.71 -16.98
CA TYR A 188 20.13 1.83 -17.15
C TYR A 188 19.69 0.49 -17.74
N LEU A 189 18.55 -0.08 -17.27
CA LEU A 189 18.03 -1.34 -17.81
C LEU A 189 17.67 -1.18 -19.29
N MET A 190 17.05 -0.03 -19.69
CA MET A 190 16.74 0.25 -21.09
C MET A 190 18.05 0.24 -21.92
N LYS A 191 19.11 0.85 -21.39
CA LYS A 191 20.40 0.94 -22.09
C LYS A 191 21.06 -0.42 -22.29
N ILE A 192 21.14 -1.25 -21.24
CA ILE A 192 21.81 -2.55 -21.37
C ILE A 192 20.97 -3.56 -22.19
N LEU A 193 19.63 -3.41 -22.26
CA LEU A 193 18.80 -4.26 -23.14
C LEU A 193 18.97 -3.79 -24.60
N THR A 194 19.06 -2.46 -24.81
CA THR A 194 19.30 -1.89 -26.13
C THR A 194 20.67 -2.34 -26.65
N GLU A 195 21.67 -2.46 -25.76
CA GLU A 195 23.01 -2.96 -26.11
C GLU A 195 22.96 -4.38 -26.75
N ARG A 196 21.92 -5.15 -26.45
CA ARG A 196 21.73 -6.47 -27.05
C ARG A 196 21.08 -6.47 -28.43
N GLY A 197 20.73 -5.31 -28.97
CA GLY A 197 20.10 -5.24 -30.29
C GLY A 197 18.63 -4.90 -30.28
N TYR A 198 18.01 -4.91 -29.09
CA TYR A 198 16.63 -4.47 -28.92
C TYR A 198 16.61 -2.93 -28.93
N SER A 199 15.43 -2.30 -28.95
CA SER A 199 15.36 -0.83 -28.88
C SER A 199 14.33 -0.42 -27.85
N PHE A 200 14.78 0.17 -26.76
CA PHE A 200 13.90 0.67 -25.69
C PHE A 200 14.35 2.10 -25.45
N VAL A 201 13.69 3.06 -26.11
CA VAL A 201 14.07 4.47 -26.04
C VAL A 201 12.88 5.40 -25.78
N THR A 202 11.71 5.08 -26.34
CA THR A 202 10.53 5.93 -26.23
C THR A 202 9.89 5.89 -24.80
N THR A 203 8.89 6.76 -24.55
CA THR A 203 8.16 6.78 -23.28
C THR A 203 7.39 5.47 -23.10
N ALA A 204 6.76 4.96 -24.16
CA ALA A 204 6.03 3.69 -24.10
C ALA A 204 7.00 2.51 -23.83
N GLU A 205 8.21 2.57 -24.37
CA GLU A 205 9.23 1.55 -24.13
C GLU A 205 9.80 1.64 -22.72
N ARG A 206 9.88 2.84 -22.16
CA ARG A 206 10.32 3.05 -20.78
C ARG A 206 9.35 2.33 -19.83
N GLU A 207 8.04 2.38 -20.14
CA GLU A 207 7.05 1.69 -19.30
C GLU A 207 7.21 0.17 -19.36
N ILE A 208 7.55 -0.38 -20.54
CA ILE A 208 7.82 -1.82 -20.66
C ILE A 208 9.03 -2.20 -19.76
N VAL A 209 10.12 -1.45 -19.87
CA VAL A 209 11.35 -1.71 -19.13
C VAL A 209 11.16 -1.51 -17.63
N ARG A 210 10.33 -0.55 -17.23
CA ARG A 210 10.02 -0.36 -15.80
C ARG A 210 9.30 -1.61 -15.26
N ASP A 211 8.36 -2.15 -16.06
CA ASP A 211 7.67 -3.38 -15.70
C ASP A 211 8.67 -4.55 -15.58
N ILE A 212 9.62 -4.67 -16.55
CA ILE A 212 10.64 -5.73 -16.48
C ILE A 212 11.46 -5.60 -15.19
N LYS A 213 11.89 -4.38 -14.91
CA LYS A 213 12.67 -4.06 -13.71
C LYS A 213 11.92 -4.48 -12.44
N GLU A 214 10.66 -4.06 -12.31
CA GLU A 214 9.90 -4.34 -11.11
C GLU A 214 9.53 -5.83 -10.96
N LYS A 215 9.37 -6.55 -12.07
CA LYS A 215 8.98 -7.97 -11.99
C LYS A 215 10.15 -8.95 -11.88
N LEU A 216 11.26 -8.68 -12.58
CA LEU A 216 12.34 -9.67 -12.69
C LEU A 216 13.65 -9.33 -12.06
N CYS A 217 13.90 -8.08 -11.70
CA CYS A 217 15.20 -7.74 -11.12
C CYS A 217 15.35 -8.22 -9.69
N TYR A 218 16.60 -8.44 -9.26
CA TYR A 218 16.92 -8.83 -7.89
C TYR A 218 18.35 -8.40 -7.57
N VAL A 219 18.69 -8.31 -6.28
CA VAL A 219 20.04 -7.95 -5.85
C VAL A 219 20.84 -9.23 -5.55
N ALA A 220 21.95 -9.42 -6.26
CA ALA A 220 22.81 -10.57 -6.06
C ALA A 220 23.54 -10.46 -4.72
N LEU A 221 23.74 -11.60 -4.05
CA LEU A 221 24.45 -11.61 -2.78
C LEU A 221 25.95 -11.38 -3.04
N ASP A 222 26.48 -11.98 -4.12
CA ASP A 222 27.87 -11.76 -4.54
C ASP A 222 27.81 -11.52 -6.03
N PHE A 223 27.98 -10.26 -6.45
CA PHE A 223 27.86 -9.86 -7.84
C PHE A 223 28.81 -10.61 -8.81
N GLU A 224 30.10 -10.67 -8.49
CA GLU A 224 31.07 -11.34 -9.37
C GLU A 224 30.77 -12.82 -9.55
N ASN A 225 30.33 -13.50 -8.48
CA ASN A 225 29.94 -14.91 -8.56
C ASN A 225 28.67 -15.08 -9.40
N GLU A 226 27.71 -14.15 -9.25
CA GLU A 226 26.46 -14.22 -9.99
C GLU A 226 26.70 -13.98 -11.48
N MET A 227 27.65 -13.07 -11.82
CA MET A 227 28.00 -12.78 -13.21
C MET A 227 28.61 -14.04 -13.85
N ALA A 228 29.48 -14.75 -13.10
CA ALA A 228 30.11 -15.99 -13.57
C ALA A 228 29.06 -17.08 -13.78
N THR A 229 28.09 -17.19 -12.86
CA THR A 229 27.00 -18.16 -13.01
C THR A 229 26.16 -17.86 -14.27
N ALA A 230 25.82 -16.58 -14.50
CA ALA A 230 25.01 -16.15 -15.64
C ALA A 230 25.70 -16.45 -16.98
N ALA A 231 27.04 -16.30 -17.04
CA ALA A 231 27.82 -16.55 -18.25
C ALA A 231 28.13 -18.05 -18.48
N SER A 232 27.91 -18.90 -17.47
CA SER A 232 28.17 -20.33 -17.58
C SER A 232 26.92 -21.16 -17.73
N SER A 233 25.73 -20.60 -17.43
CA SER A 233 24.47 -21.35 -17.55
C SER A 233 23.26 -20.44 -17.76
N SER A 234 22.11 -21.04 -18.10
CA SER A 234 20.84 -20.34 -18.28
C SER A 234 19.95 -20.40 -17.01
N SER A 235 20.49 -20.88 -15.85
CA SER A 235 19.72 -21.02 -14.62
C SER A 235 19.09 -19.73 -14.08
N LEU A 236 19.71 -18.58 -14.34
CA LEU A 236 19.16 -17.31 -13.86
C LEU A 236 18.26 -16.62 -14.90
N GLU A 237 18.15 -17.16 -16.13
CA GLU A 237 17.36 -16.51 -17.17
C GLU A 237 15.87 -16.59 -16.95
N LYS A 238 15.19 -15.49 -17.29
CA LYS A 238 13.75 -15.35 -17.22
C LYS A 238 13.26 -14.83 -18.57
N SER A 239 12.09 -15.30 -19.04
CA SER A 239 11.55 -14.86 -20.32
C SER A 239 10.46 -13.85 -20.08
N TYR A 240 10.39 -12.80 -20.91
CA TYR A 240 9.37 -11.77 -20.74
C TYR A 240 8.66 -11.54 -22.06
N GLU A 241 7.32 -11.53 -22.04
CA GLU A 241 6.57 -11.32 -23.26
C GLU A 241 6.31 -9.85 -23.50
N LEU A 242 6.84 -9.31 -24.59
CA LEU A 242 6.67 -7.91 -24.93
C LEU A 242 5.25 -7.63 -25.48
N PRO A 243 4.82 -6.36 -25.51
CA PRO A 243 3.47 -6.04 -26.03
C PRO A 243 3.18 -6.55 -27.44
N ASP A 244 4.20 -6.57 -28.33
CA ASP A 244 4.01 -7.09 -29.69
C ASP A 244 3.90 -8.62 -29.78
N GLY A 245 4.14 -9.32 -28.68
CA GLY A 245 4.08 -10.78 -28.67
C GLY A 245 5.43 -11.46 -28.72
N GLN A 246 6.51 -10.73 -29.06
CA GLN A 246 7.83 -11.33 -29.09
C GLN A 246 8.34 -11.60 -27.67
N VAL A 247 9.34 -12.49 -27.53
CA VAL A 247 9.85 -12.83 -26.21
C VAL A 247 11.30 -12.38 -26.06
N ILE A 248 11.62 -11.72 -24.92
CA ILE A 248 13.00 -11.28 -24.63
C ILE A 248 13.49 -12.04 -23.41
N THR A 249 14.71 -12.55 -23.45
CA THR A 249 15.29 -13.25 -22.33
C THR A 249 16.02 -12.24 -21.46
N ILE A 250 15.72 -12.19 -20.16
CA ILE A 250 16.42 -11.30 -19.22
C ILE A 250 17.36 -12.19 -18.42
N GLY A 251 18.66 -11.96 -18.56
CA GLY A 251 19.66 -12.76 -17.88
C GLY A 251 20.37 -12.01 -16.78
N ASN A 252 21.65 -11.72 -16.96
CA ASN A 252 22.42 -10.97 -15.96
C ASN A 252 21.89 -9.54 -15.72
N GLU A 253 21.08 -9.00 -16.64
CA GLU A 253 20.46 -7.68 -16.46
C GLU A 253 19.55 -7.69 -15.24
N ARG A 254 19.02 -8.87 -14.84
CA ARG A 254 18.17 -9.01 -13.65
C ARG A 254 18.91 -8.47 -12.41
N PHE A 255 20.23 -8.72 -12.28
CA PHE A 255 20.97 -8.27 -11.10
C PHE A 255 21.99 -7.14 -11.40
N ARG A 256 22.35 -6.92 -12.66
CA ARG A 256 23.23 -5.79 -13.01
C ARG A 256 22.49 -4.46 -12.81
N CYS A 257 21.17 -4.44 -13.07
CA CYS A 257 20.37 -3.23 -12.93
C CYS A 257 20.39 -2.68 -11.47
N PRO A 258 19.94 -3.44 -10.42
CA PRO A 258 20.03 -2.89 -9.06
C PRO A 258 21.45 -2.89 -8.49
N GLU A 259 22.41 -3.60 -9.14
CA GLU A 259 23.82 -3.53 -8.70
C GLU A 259 24.35 -2.08 -8.67
N THR A 260 23.78 -1.20 -9.53
CA THR A 260 24.11 0.22 -9.62
C THR A 260 23.95 0.93 -8.27
N LEU A 261 23.01 0.46 -7.42
CA LEU A 261 22.84 1.06 -6.08
C LEU A 261 24.13 0.89 -5.25
N PHE A 262 24.79 -0.27 -5.37
CA PHE A 262 26.05 -0.57 -4.65
C PHE A 262 27.28 -0.08 -5.45
N GLN A 263 27.18 -0.04 -6.78
CA GLN A 263 28.28 0.43 -7.63
C GLN A 263 27.78 1.53 -8.57
N PRO A 264 27.70 2.79 -8.10
CA PRO A 264 27.17 3.86 -8.96
C PRO A 264 28.00 4.13 -10.23
N SER A 265 29.24 3.63 -10.31
CA SER A 265 30.04 3.78 -11.55
C SER A 265 29.39 3.07 -12.75
N PHE A 266 28.41 2.16 -12.51
CA PHE A 266 27.70 1.51 -13.61
C PHE A 266 27.00 2.54 -14.52
N ILE A 267 26.57 3.68 -13.96
CA ILE A 267 25.95 4.76 -14.73
C ILE A 267 26.86 6.02 -14.82
N GLY A 268 28.16 5.85 -14.65
CA GLY A 268 29.13 6.94 -14.76
C GLY A 268 29.15 7.91 -13.59
N MET A 269 28.66 7.46 -12.43
CA MET A 269 28.64 8.29 -11.25
C MET A 269 29.83 7.98 -10.36
N GLU A 270 30.47 9.02 -9.82
CA GLU A 270 31.65 8.82 -8.97
C GLU A 270 31.30 8.87 -7.48
N SER A 271 30.13 8.40 -7.13
CA SER A 271 29.64 8.37 -5.78
C SER A 271 29.86 7.00 -5.13
N ALA A 272 29.93 6.99 -3.79
CA ALA A 272 29.99 5.77 -3.02
C ALA A 272 28.60 5.07 -3.16
N GLY A 273 28.56 3.76 -2.91
CA GLY A 273 27.32 3.00 -2.98
C GLY A 273 26.48 3.12 -1.73
N ILE A 274 25.23 2.64 -1.77
CA ILE A 274 24.31 2.77 -0.62
C ILE A 274 24.84 2.15 0.70
N HIS A 275 25.66 1.06 0.65
CA HIS A 275 26.25 0.47 1.85
C HIS A 275 27.35 1.40 2.44
N GLU A 276 28.08 2.08 1.57
CA GLU A 276 29.15 3.00 1.95
C GLU A 276 28.60 4.31 2.50
N THR A 277 27.51 4.80 1.90
CA THR A 277 26.86 6.01 2.43
C THR A 277 26.15 5.70 3.76
N THR A 278 25.65 4.45 3.95
CA THR A 278 25.06 4.07 5.23
C THR A 278 26.13 4.15 6.33
N TYR A 279 27.32 3.58 6.05
CA TYR A 279 28.41 3.60 7.02
C TYR A 279 28.82 5.03 7.31
N ASN A 280 28.98 5.82 6.25
CA ASN A 280 29.42 7.20 6.41
C ASN A 280 28.44 8.03 7.27
N SER A 281 27.12 7.87 7.02
CA SER A 281 26.09 8.55 7.77
C SER A 281 26.11 8.15 9.27
N ILE A 282 26.26 6.85 9.56
CA ILE A 282 26.35 6.38 10.95
C ILE A 282 27.54 7.03 11.66
N MET A 283 28.69 7.05 10.99
CA MET A 283 29.91 7.60 11.59
C MET A 283 29.90 9.11 11.82
N LYS A 284 29.00 9.82 11.15
CA LYS A 284 28.83 11.25 11.38
C LYS A 284 28.00 11.53 12.65
N CYS A 285 27.34 10.52 13.21
CA CYS A 285 26.52 10.64 14.42
C CYS A 285 27.35 10.43 15.67
N ASP A 286 26.80 10.77 16.87
CA ASP A 286 27.50 10.61 18.14
C ASP A 286 27.96 9.18 18.31
N ILE A 287 29.14 8.96 18.91
CA ILE A 287 29.62 7.59 19.17
C ILE A 287 28.56 6.75 19.90
N ASP A 288 27.89 7.37 20.89
CA ASP A 288 26.90 6.71 21.75
C ASP A 288 25.69 6.15 21.01
N ILE A 289 25.34 6.71 19.84
CA ILE A 289 24.16 6.20 19.10
C ILE A 289 24.49 5.16 18.05
N ARG A 290 25.76 5.04 17.64
CA ARG A 290 26.10 4.21 16.48
C ARG A 290 25.66 2.77 16.59
N LYS A 291 25.76 2.14 17.79
CA LYS A 291 25.29 0.75 17.94
C LYS A 291 23.78 0.67 17.65
N ASP A 292 23.01 1.67 18.11
CA ASP A 292 21.55 1.69 17.85
C ASP A 292 21.21 1.86 16.38
N LEU A 293 22.05 2.61 15.66
CA LEU A 293 21.82 2.79 14.23
C LEU A 293 22.15 1.50 13.49
N TYR A 294 23.29 0.88 13.81
CA TYR A 294 23.67 -0.39 13.15
C TYR A 294 22.63 -1.49 13.34
N ALA A 295 21.99 -1.54 14.51
CA ALA A 295 20.99 -2.58 14.82
C ALA A 295 19.56 -2.22 14.34
N ASN A 296 19.41 -1.07 13.65
CA ASN A 296 18.11 -0.59 13.18
C ASN A 296 18.19 0.10 11.80
N ASN A 297 18.71 -0.62 10.80
CA ASN A 297 18.76 -0.09 9.44
C ASN A 297 17.43 -0.42 8.80
N VAL A 298 16.59 0.58 8.54
CA VAL A 298 15.29 0.35 7.93
C VAL A 298 15.30 0.76 6.46
N MET A 299 14.87 -0.14 5.58
CA MET A 299 14.80 0.14 4.15
CA MET A 299 14.80 0.11 4.14
C MET A 299 13.42 0.66 3.80
N SER A 300 13.37 1.70 2.95
CA SER A 300 12.08 2.24 2.53
C SER A 300 12.12 2.76 1.10
N GLY A 301 10.95 2.91 0.48
CA GLY A 301 10.89 3.44 -0.88
C GLY A 301 10.80 2.30 -1.89
N GLY A 302 10.25 2.62 -3.05
CA GLY A 302 10.03 1.64 -4.10
C GLY A 302 11.31 1.01 -4.62
N THR A 303 12.44 1.76 -4.61
CA THR A 303 13.68 1.23 -5.14
C THR A 303 14.41 0.29 -4.13
N THR A 304 13.86 0.09 -2.92
CA THR A 304 14.38 -0.95 -2.02
C THR A 304 13.55 -2.26 -2.14
N MET A 305 12.65 -2.36 -3.13
CA MET A 305 11.79 -3.54 -3.26
C MET A 305 12.51 -4.78 -3.79
N TYR A 306 13.70 -4.63 -4.40
CA TYR A 306 14.40 -5.77 -4.99
C TYR A 306 14.60 -6.94 -4.05
N PRO A 307 14.20 -8.16 -4.46
CA PRO A 307 14.53 -9.34 -3.64
C PRO A 307 16.06 -9.45 -3.47
N GLY A 308 16.50 -9.83 -2.29
CA GLY A 308 17.92 -9.97 -2.01
C GLY A 308 18.60 -8.74 -1.45
N ILE A 309 17.91 -7.56 -1.50
CA ILE A 309 18.57 -6.33 -1.03
C ILE A 309 18.93 -6.34 0.46
N ALA A 310 18.06 -6.91 1.36
CA ALA A 310 18.39 -6.85 2.79
C ALA A 310 19.55 -7.76 3.12
N ASP A 311 19.60 -8.95 2.49
CA ASP A 311 20.72 -9.87 2.70
C ASP A 311 22.02 -9.30 2.17
N ARG A 312 21.96 -8.57 1.05
CA ARG A 312 23.16 -7.95 0.49
C ARG A 312 23.65 -6.82 1.43
N MET A 313 22.71 -5.99 1.92
CA MET A 313 23.06 -4.91 2.85
C MET A 313 23.63 -5.48 4.15
N GLN A 314 23.07 -6.59 4.63
CA GLN A 314 23.59 -7.25 5.84
C GLN A 314 25.05 -7.66 5.65
N LYS A 315 25.37 -8.24 4.51
CA LYS A 315 26.73 -8.68 4.18
C LYS A 315 27.68 -7.51 4.03
N GLU A 316 27.23 -6.48 3.29
CA GLU A 316 28.08 -5.32 3.04
C GLU A 316 28.36 -4.52 4.28
N ILE A 317 27.33 -4.26 5.11
CA ILE A 317 27.54 -3.48 6.35
C ILE A 317 28.41 -4.26 7.33
N THR A 318 28.24 -5.60 7.38
CA THR A 318 29.04 -6.46 8.24
C THR A 318 30.51 -6.40 7.85
N ALA A 319 30.79 -6.42 6.54
CA ALA A 319 32.18 -6.33 6.09
C ALA A 319 32.84 -4.99 6.47
N LEU A 320 32.05 -3.89 6.55
CA LEU A 320 32.59 -2.58 6.86
C LEU A 320 32.80 -2.36 8.37
N ALA A 321 31.84 -2.76 9.17
CA ALA A 321 31.79 -2.45 10.60
C ALA A 321 32.73 -3.28 11.46
N PRO A 322 32.99 -2.85 12.71
CA PRO A 322 33.73 -3.73 13.65
C PRO A 322 33.06 -5.12 13.73
N SER A 323 33.87 -6.20 13.78
CA SER A 323 33.31 -7.56 13.73
C SER A 323 32.37 -7.89 14.86
N THR A 324 32.47 -7.19 15.99
CA THR A 324 31.57 -7.43 17.13
C THR A 324 30.24 -6.66 17.02
N MET A 325 30.11 -5.76 16.03
CA MET A 325 28.90 -4.96 15.89
C MET A 325 27.67 -5.79 15.52
N LYS A 326 26.60 -5.61 16.29
CA LYS A 326 25.32 -6.25 16.00
C LYS A 326 24.63 -5.45 14.86
N ILE A 327 24.42 -6.08 13.72
CA ILE A 327 23.85 -5.40 12.56
C ILE A 327 22.51 -6.01 12.18
N LYS A 328 21.50 -5.16 11.94
CA LYS A 328 20.20 -5.66 11.51
C LYS A 328 19.61 -4.80 10.43
N ILE A 329 19.12 -5.42 9.33
CA ILE A 329 18.46 -4.73 8.22
C ILE A 329 16.97 -5.11 8.27
N ILE A 330 16.09 -4.12 8.30
CA ILE A 330 14.66 -4.33 8.34
C ILE A 330 14.10 -3.86 7.02
N ALA A 331 13.41 -4.74 6.28
CA ALA A 331 12.83 -4.34 5.00
C ALA A 331 11.36 -4.75 5.00
N PRO A 332 10.47 -3.86 5.50
CA PRO A 332 9.05 -4.25 5.62
C PRO A 332 8.39 -4.54 4.29
N PRO A 333 7.39 -5.45 4.27
CA PRO A 333 6.70 -5.76 3.02
C PRO A 333 6.06 -4.51 2.36
N GLU A 334 5.57 -3.61 3.17
CA GLU A 334 4.88 -2.39 2.70
C GLU A 334 5.85 -1.21 2.50
N ARG A 335 7.17 -1.47 2.37
CA ARG A 335 8.14 -0.37 2.28
C ARG A 335 7.95 0.60 1.10
N LYS A 336 7.21 0.20 0.05
CA LYS A 336 6.92 1.12 -1.05
C LYS A 336 6.02 2.29 -0.57
N TYR A 337 5.24 2.07 0.52
CA TYR A 337 4.33 3.08 1.06
C TYR A 337 4.61 3.44 2.51
N SER A 338 5.75 3.01 3.09
CA SER A 338 6.01 3.26 4.50
C SER A 338 6.12 4.73 4.88
N VAL A 339 6.53 5.63 3.95
CA VAL A 339 6.58 7.07 4.27
C VAL A 339 5.11 7.52 4.51
N TRP A 340 4.21 7.16 3.58
CA TRP A 340 2.80 7.52 3.74
C TRP A 340 2.19 6.92 5.01
N ILE A 341 2.44 5.63 5.24
CA ILE A 341 1.92 4.90 6.40
C ILE A 341 2.40 5.54 7.71
N GLY A 342 3.66 5.91 7.76
CA GLY A 342 4.23 6.57 8.93
C GLY A 342 3.57 7.92 9.19
N GLY A 343 3.22 8.63 8.12
CA GLY A 343 2.51 9.89 8.21
C GLY A 343 1.11 9.67 8.73
N SER A 344 0.43 8.62 8.24
CA SER A 344 -0.91 8.28 8.74
C SER A 344 -0.85 7.95 10.26
N ILE A 345 0.18 7.22 10.69
CA ILE A 345 0.40 6.88 12.10
C ILE A 345 0.54 8.16 12.94
N LEU A 346 1.46 9.04 12.53
CA LEU A 346 1.76 10.28 13.24
C LEU A 346 0.56 11.18 13.33
N ALA A 347 -0.12 11.43 12.19
CA ALA A 347 -1.27 12.30 12.15
C ALA A 347 -2.54 11.72 12.83
N SER A 348 -2.55 10.42 13.14
CA SER A 348 -3.68 9.83 13.85
C SER A 348 -3.46 9.76 15.39
N LEU A 349 -2.28 10.17 15.89
CA LEU A 349 -1.99 10.15 17.32
C LEU A 349 -2.46 11.44 18.01
N SER A 350 -2.92 11.31 19.27
CA SER A 350 -3.37 12.46 20.06
C SER A 350 -2.23 13.49 20.23
N THR A 351 -0.97 13.04 20.31
CA THR A 351 0.20 13.91 20.41
C THR A 351 0.36 14.86 19.20
N PHE A 352 -0.17 14.50 18.02
CA PHE A 352 -0.05 15.31 16.82
CA PHE A 352 -0.02 15.33 16.86
C PHE A 352 -0.80 16.64 16.91
N GLN A 353 -1.90 16.67 17.67
CA GLN A 353 -2.66 17.91 17.84
C GLN A 353 -1.79 19.03 18.46
N GLN A 354 -0.79 18.64 19.25
CA GLN A 354 0.14 19.58 19.88
CA GLN A 354 0.15 19.55 19.89
C GLN A 354 1.23 20.01 18.89
N MET A 355 1.58 19.16 17.93
CA MET A 355 2.65 19.45 16.98
C MET A 355 2.27 20.33 15.79
N TRP A 356 1.00 20.28 15.34
CA TRP A 356 0.65 21.03 14.15
CA TRP A 356 0.47 21.04 14.21
C TRP A 356 0.80 22.53 14.33
N ILE A 357 0.98 23.21 13.20
CA ILE A 357 1.11 24.64 13.13
C ILE A 357 -0.33 25.06 12.86
N THR A 358 -0.91 25.94 13.69
CA THR A 358 -2.30 26.36 13.44
C THR A 358 -2.30 27.61 12.57
N LYS A 359 -3.48 27.95 11.98
CA LYS A 359 -3.62 29.17 11.22
C LYS A 359 -3.32 30.39 12.13
N GLN A 360 -3.74 30.32 13.42
CA GLN A 360 -3.45 31.40 14.39
C GLN A 360 -1.93 31.58 14.56
N GLU A 361 -1.18 30.48 14.72
CA GLU A 361 0.28 30.57 14.82
C GLU A 361 0.91 31.16 13.55
N TYR A 362 0.42 30.74 12.38
CA TYR A 362 0.90 31.26 11.09
C TYR A 362 0.59 32.76 10.99
N ASP A 363 -0.61 33.20 11.38
CA ASP A 363 -0.97 34.63 11.31
C ASP A 363 -0.09 35.48 12.23
N GLU A 364 0.40 34.90 13.32
CA GLU A 364 1.27 35.61 14.26
C GLU A 364 2.72 35.68 13.76
N ALA A 365 3.25 34.55 13.29
CA ALA A 365 4.67 34.42 12.98
C ALA A 365 5.08 34.43 11.52
N GLY A 366 4.14 34.17 10.62
CA GLY A 366 4.45 34.05 9.20
C GLY A 366 5.05 32.69 8.86
N PRO A 367 5.45 32.49 7.60
CA PRO A 367 6.02 31.21 7.17
C PRO A 367 7.21 30.68 7.97
N SER A 368 8.06 31.56 8.57
CA SER A 368 9.23 31.06 9.31
C SER A 368 8.87 30.24 10.56
N ILE A 369 7.56 30.18 10.94
CA ILE A 369 7.07 29.34 12.04
C ILE A 369 7.44 27.84 11.79
N VAL A 370 7.56 27.41 10.49
CA VAL A 370 7.89 26.03 10.14
C VAL A 370 9.30 25.65 10.63
N HIS A 371 10.26 26.62 10.70
CA HIS A 371 11.58 26.30 11.22
C HIS A 371 11.49 25.93 12.69
N ARG A 372 10.69 26.65 13.44
CA ARG A 372 10.58 26.40 14.88
CA ARG A 372 10.59 26.40 14.88
C ARG A 372 9.82 25.13 15.20
N LYS A 373 8.66 24.94 14.57
CA LYS A 373 7.79 23.83 14.88
C LYS A 373 8.08 22.49 14.24
N CYS A 374 8.67 22.44 13.04
CA CYS A 374 8.85 21.18 12.33
C CYS A 374 10.28 20.74 12.16
N PHE A 375 10.70 19.77 12.96
CA PHE A 375 12.01 19.16 12.86
C PHE A 375 12.02 17.79 13.62
N LYS B 16 -2.83 -25.36 19.40
CA LYS B 16 -2.59 -23.98 19.83
C LYS B 16 -3.54 -22.97 19.21
N THR B 17 -4.15 -22.14 20.06
CA THR B 17 -5.05 -21.07 19.67
C THR B 17 -4.25 -19.96 18.96
N TYR B 18 -4.82 -19.34 17.92
CA TYR B 18 -4.15 -18.23 17.24
C TYR B 18 -4.63 -16.91 17.83
N GLN B 19 -3.71 -15.97 18.09
CA GLN B 19 -4.08 -14.68 18.63
C GLN B 19 -3.18 -13.55 18.14
N SER B 20 -3.78 -12.51 17.54
CA SER B 20 -3.04 -11.31 17.12
C SER B 20 -3.95 -10.17 17.46
N ARG B 21 -3.59 -9.32 18.45
CA ARG B 21 -4.48 -8.23 18.90
C ARG B 21 -5.86 -8.84 19.32
N ASP B 22 -6.98 -8.34 18.79
CA ASP B 22 -8.31 -8.84 19.08
C ASP B 22 -8.75 -10.01 18.19
N LEU B 23 -7.86 -10.52 17.31
CA LEU B 23 -8.21 -11.63 16.44
C LEU B 23 -7.87 -12.95 17.11
N VAL B 24 -8.89 -13.75 17.43
CA VAL B 24 -8.68 -15.03 18.09
C VAL B 24 -9.27 -16.14 17.24
N LEU B 25 -8.45 -17.12 16.87
CA LEU B 25 -8.92 -18.25 16.07
C LEU B 25 -8.66 -19.55 16.84
N GLU B 26 -9.74 -20.27 17.18
CA GLU B 26 -9.60 -21.55 17.87
C GLU B 26 -9.28 -22.64 16.84
N PRO B 27 -8.43 -23.62 17.18
CA PRO B 27 -8.11 -24.67 16.21
C PRO B 27 -9.32 -25.53 15.88
N ILE B 28 -9.46 -25.91 14.60
CA ILE B 28 -10.60 -26.74 14.19
C ILE B 28 -10.40 -28.16 14.67
N GLN B 29 -11.28 -28.58 15.58
CA GLN B 29 -11.21 -29.93 16.10
C GLN B 29 -12.09 -30.78 15.21
N HIS B 30 -11.51 -31.84 14.61
N HIS B 30 -11.53 -31.86 14.63
CA HIS B 30 -12.20 -32.76 13.71
CA HIS B 30 -12.22 -32.78 13.72
C HIS B 30 -12.90 -32.02 12.57
C HIS B 30 -12.90 -32.02 12.57
N PRO B 31 -12.14 -31.70 11.50
CA PRO B 31 -12.76 -30.96 10.38
C PRO B 31 -13.68 -31.81 9.53
N LYS B 32 -14.81 -31.24 9.10
CA LYS B 32 -15.78 -31.96 8.27
C LYS B 32 -15.66 -31.58 6.80
N SER B 33 -15.97 -32.53 5.91
CA SER B 33 -15.90 -32.27 4.48
C SER B 33 -17.09 -31.39 4.09
N ILE B 34 -16.84 -30.38 3.26
CA ILE B 34 -17.88 -29.45 2.85
C ILE B 34 -18.14 -29.62 1.37
N GLU B 35 -19.41 -29.82 0.99
CA GLU B 35 -19.75 -29.99 -0.40
C GLU B 35 -19.66 -28.67 -1.18
N LEU B 36 -18.90 -28.69 -2.28
CA LEU B 36 -18.73 -27.52 -3.15
C LEU B 36 -19.16 -27.88 -4.55
N GLY B 37 -19.64 -26.91 -5.31
CA GLY B 37 -20.08 -27.15 -6.67
C GLY B 37 -18.97 -27.13 -7.70
N MET B 38 -17.82 -26.51 -7.38
CA MET B 38 -16.73 -26.43 -8.34
C MET B 38 -16.08 -27.81 -8.43
N PRO B 39 -15.94 -28.41 -9.63
CA PRO B 39 -15.20 -29.69 -9.75
C PRO B 39 -13.84 -29.65 -9.06
N GLU B 40 -13.46 -30.74 -8.37
CA GLU B 40 -12.18 -30.79 -7.64
C GLU B 40 -10.96 -30.65 -8.54
N VAL B 41 -11.08 -31.05 -9.80
CA VAL B 41 -9.99 -30.86 -10.77
C VAL B 41 -9.71 -29.34 -10.98
N ASP B 42 -10.77 -28.51 -10.99
CA ASP B 42 -10.63 -27.07 -11.17
C ASP B 42 -10.17 -26.37 -9.90
N GLN B 43 -10.50 -26.92 -8.72
CA GLN B 43 -9.99 -26.43 -7.44
C GLN B 43 -8.47 -26.59 -7.42
N SER B 44 -7.95 -27.75 -7.91
CA SER B 44 -6.49 -27.96 -7.93
C SER B 44 -5.82 -26.97 -8.89
N VAL B 45 -6.44 -26.68 -10.04
CA VAL B 45 -5.89 -25.72 -10.99
C VAL B 45 -5.78 -24.32 -10.31
N LEU B 46 -6.88 -23.85 -9.70
CA LEU B 46 -6.87 -22.55 -9.01
C LEU B 46 -5.87 -22.49 -7.86
N ALA B 47 -5.68 -23.61 -7.13
CA ALA B 47 -4.68 -23.65 -6.06
C ALA B 47 -3.26 -23.43 -6.64
N GLU B 48 -2.99 -24.01 -7.83
CA GLU B 48 -1.70 -23.84 -8.48
C GLU B 48 -1.52 -22.43 -9.05
N VAL B 49 -2.60 -21.82 -9.55
CA VAL B 49 -2.55 -20.46 -10.06
C VAL B 49 -2.23 -19.51 -8.88
N ALA B 50 -2.87 -19.69 -7.72
CA ALA B 50 -2.62 -18.82 -6.55
C ALA B 50 -1.14 -18.92 -6.13
N GLU B 51 -0.56 -20.11 -6.20
CA GLU B 51 0.85 -20.31 -5.90
C GLU B 51 1.78 -19.65 -6.95
N ARG B 52 1.58 -19.94 -8.25
CA ARG B 52 2.42 -19.38 -9.32
C ARG B 52 2.32 -17.87 -9.39
N GLU B 53 1.11 -17.32 -9.22
CA GLU B 53 0.92 -15.87 -9.33
C GLU B 53 1.11 -15.12 -8.01
N ASN B 54 1.31 -15.82 -6.89
CA ASN B 54 1.45 -15.25 -5.53
C ASN B 54 0.28 -14.32 -5.22
N VAL B 55 -0.95 -14.83 -5.39
CA VAL B 55 -2.14 -14.04 -5.09
C VAL B 55 -3.13 -14.89 -4.29
N ILE B 56 -4.11 -14.23 -3.66
CA ILE B 56 -5.21 -14.92 -2.98
C ILE B 56 -6.43 -14.73 -3.89
N ILE B 57 -7.07 -15.83 -4.34
CA ILE B 57 -8.25 -15.70 -5.19
C ILE B 57 -9.47 -16.27 -4.44
N GLY B 58 -10.59 -15.56 -4.45
CA GLY B 58 -11.83 -16.03 -3.84
C GLY B 58 -12.86 -16.22 -4.92
N VAL B 59 -13.57 -17.36 -4.93
CA VAL B 59 -14.59 -17.63 -5.94
C VAL B 59 -15.90 -17.91 -5.23
N ARG B 60 -16.95 -17.26 -5.69
CA ARG B 60 -18.29 -17.43 -5.15
C ARG B 60 -18.76 -18.87 -5.35
N PRO B 61 -19.67 -19.35 -4.49
CA PRO B 61 -20.15 -20.73 -4.64
C PRO B 61 -20.77 -21.02 -5.99
N VAL B 62 -20.55 -22.23 -6.43
CA VAL B 62 -21.17 -22.74 -7.64
C VAL B 62 -22.24 -23.68 -7.12
N ASP B 63 -23.47 -23.60 -7.64
CA ASP B 63 -24.56 -24.51 -7.26
C ASP B 63 -24.08 -25.99 -7.41
N GLU B 64 -24.25 -26.78 -6.33
N GLU B 64 -24.25 -26.76 -6.34
CA GLU B 64 -23.83 -28.18 -6.24
CA GLU B 64 -23.82 -28.15 -6.25
C GLU B 64 -24.32 -29.00 -7.43
C GLU B 64 -24.33 -29.00 -7.41
N LYS B 65 -25.58 -28.80 -7.83
CA LYS B 65 -26.19 -29.55 -8.92
C LYS B 65 -25.58 -29.26 -10.28
N SER B 66 -24.92 -28.09 -10.45
CA SER B 66 -24.28 -27.77 -11.73
C SER B 66 -22.89 -28.36 -11.89
N LYS B 67 -22.37 -29.07 -10.87
CA LYS B 67 -21.02 -29.65 -10.96
C LYS B 67 -20.77 -30.48 -12.24
N SER B 68 -21.65 -31.42 -12.56
CA SER B 68 -21.46 -32.27 -13.73
C SER B 68 -21.50 -31.47 -15.03
N LEU B 69 -22.33 -30.40 -15.09
CA LEU B 69 -22.38 -29.56 -16.31
C LEU B 69 -21.02 -28.93 -16.58
N ILE B 70 -20.40 -28.40 -15.53
CA ILE B 70 -19.08 -27.78 -15.62
C ILE B 70 -18.02 -28.82 -15.92
N ALA B 71 -18.07 -29.97 -15.22
CA ALA B 71 -17.11 -31.07 -15.41
C ALA B 71 -17.15 -31.66 -16.82
N SER B 72 -18.32 -31.57 -17.50
CA SER B 72 -18.42 -32.07 -18.87
C SER B 72 -17.53 -31.27 -19.83
N LYS B 73 -17.22 -29.99 -19.51
CA LYS B 73 -16.42 -29.08 -20.34
C LYS B 73 -17.00 -28.87 -21.75
N MET B 74 -18.31 -29.10 -21.89
CA MET B 74 -19.06 -28.96 -23.13
C MET B 74 -19.66 -27.57 -23.29
N TYR B 75 -19.92 -26.88 -22.16
CA TYR B 75 -20.69 -25.66 -22.20
C TYR B 75 -19.90 -24.42 -22.04
N SER B 76 -20.54 -23.28 -22.35
CA SER B 76 -19.99 -22.00 -22.04
C SER B 76 -20.45 -21.62 -20.61
N SER B 77 -20.06 -20.45 -20.11
CA SER B 77 -20.44 -19.99 -18.78
C SER B 77 -21.02 -18.58 -18.87
N LYS B 78 -21.80 -18.22 -17.87
CA LYS B 78 -22.54 -16.95 -17.82
CA LYS B 78 -22.53 -16.95 -17.80
C LYS B 78 -21.67 -15.72 -17.98
N GLY B 79 -21.92 -14.98 -19.04
CA GLY B 79 -21.18 -13.76 -19.31
C GLY B 79 -21.86 -12.53 -18.74
N LEU B 80 -21.35 -11.35 -19.12
CA LEU B 80 -21.91 -10.08 -18.68
C LEU B 80 -23.23 -9.79 -19.40
N PHE B 81 -24.04 -8.90 -18.80
CA PHE B 81 -25.27 -8.39 -19.40
C PHE B 81 -26.35 -9.44 -19.61
N VAL B 82 -26.39 -10.44 -18.74
CA VAL B 82 -27.40 -11.49 -18.82
C VAL B 82 -28.23 -11.40 -17.54
N LYS B 83 -29.40 -10.75 -17.60
CA LYS B 83 -30.32 -10.60 -16.47
C LYS B 83 -31.40 -11.68 -16.40
N ALA B 84 -31.53 -12.52 -17.44
CA ALA B 84 -32.46 -13.64 -17.41
C ALA B 84 -31.99 -14.63 -16.33
N LYS B 85 -32.94 -15.29 -15.67
CA LYS B 85 -32.63 -16.20 -14.58
C LYS B 85 -32.40 -17.63 -15.04
N SER B 86 -31.59 -18.37 -14.24
CA SER B 86 -31.39 -19.80 -14.48
C SER B 86 -32.65 -20.57 -13.97
N SER B 87 -32.75 -21.83 -14.38
CA SER B 87 -33.81 -22.70 -13.92
C SER B 87 -33.25 -23.65 -12.86
N ASP B 88 -34.09 -24.02 -11.91
CA ASP B 88 -33.73 -25.00 -10.86
C ASP B 88 -34.66 -26.23 -10.95
N TRP B 89 -35.27 -26.48 -12.12
CA TRP B 89 -36.18 -27.61 -12.27
C TRP B 89 -36.16 -28.11 -13.71
N GLY B 90 -36.72 -29.30 -13.90
CA GLY B 90 -36.84 -29.91 -15.20
C GLY B 90 -35.51 -30.27 -15.82
N PRO B 91 -35.53 -30.60 -17.11
CA PRO B 91 -34.27 -30.91 -17.79
C PRO B 91 -33.42 -29.67 -18.04
N MET B 92 -33.99 -28.43 -17.90
CA MET B 92 -33.23 -27.20 -18.08
C MET B 92 -32.54 -26.75 -16.78
N SER B 93 -32.55 -27.57 -15.69
CA SER B 93 -31.91 -27.18 -14.44
CA SER B 93 -31.87 -27.21 -14.43
C SER B 93 -30.43 -26.86 -14.67
N GLY B 94 -30.01 -25.69 -14.20
CA GLY B 94 -28.63 -25.24 -14.37
C GLY B 94 -28.40 -24.34 -15.58
N PHE B 95 -29.41 -24.23 -16.45
CA PHE B 95 -29.34 -23.42 -17.67
C PHE B 95 -30.29 -22.25 -17.59
N ILE B 96 -30.15 -21.28 -18.50
CA ILE B 96 -30.99 -20.08 -18.56
C ILE B 96 -31.93 -20.24 -19.75
N PRO B 97 -33.20 -20.59 -19.53
CA PRO B 97 -34.11 -20.79 -20.66
C PRO B 97 -34.47 -19.49 -21.36
N VAL B 98 -34.60 -19.51 -22.71
CA VAL B 98 -35.02 -18.29 -23.42
C VAL B 98 -36.48 -17.95 -23.02
N ASP B 99 -37.31 -18.98 -22.85
CA ASP B 99 -38.69 -18.82 -22.38
C ASP B 99 -38.59 -18.92 -20.86
N GLN B 100 -38.64 -17.77 -20.18
CA GLN B 100 -38.46 -17.64 -18.72
C GLN B 100 -39.57 -18.24 -17.88
N SER B 101 -40.66 -18.74 -18.52
CA SER B 101 -41.63 -19.53 -17.77
C SER B 101 -40.94 -20.86 -17.29
N PHE B 102 -39.81 -21.23 -17.91
CA PHE B 102 -39.08 -22.43 -17.51
C PHE B 102 -37.99 -22.15 -16.47
N ALA B 103 -37.87 -20.91 -16.02
CA ALA B 103 -36.82 -20.51 -15.09
C ALA B 103 -37.31 -20.67 -13.62
N LYS B 104 -36.51 -20.27 -12.61
CA LYS B 104 -36.88 -20.37 -11.20
C LYS B 104 -38.13 -19.54 -10.88
N ALA B 105 -38.73 -19.79 -9.69
CA ALA B 105 -39.98 -19.17 -9.25
C ALA B 105 -40.03 -17.67 -9.40
N SER B 106 -38.93 -16.96 -9.06
CA SER B 106 -38.92 -15.50 -9.18
C SER B 106 -39.15 -15.00 -10.61
N ALA B 107 -38.67 -15.75 -11.61
CA ALA B 107 -38.89 -15.38 -13.00
C ALA B 107 -40.30 -15.75 -13.45
N ARG B 108 -40.81 -16.89 -12.98
CA ARG B 108 -42.14 -17.36 -13.35
CA ARG B 108 -42.14 -17.35 -13.37
C ARG B 108 -43.26 -16.43 -12.89
N ARG B 109 -43.02 -15.67 -11.82
CA ARG B 109 -44.04 -14.75 -11.35
C ARG B 109 -43.84 -13.33 -11.93
N ASP B 110 -42.85 -13.15 -12.83
CA ASP B 110 -42.53 -11.88 -13.49
C ASP B 110 -42.16 -12.18 -14.94
N LEU B 111 -43.03 -12.92 -15.65
CA LEU B 111 -42.75 -13.37 -17.02
C LEU B 111 -42.38 -12.26 -17.99
N GLU B 112 -43.15 -11.18 -18.02
CA GLU B 112 -42.89 -10.09 -18.98
C GLU B 112 -41.52 -9.47 -18.78
N LYS B 113 -41.18 -9.17 -17.52
CA LYS B 113 -39.88 -8.61 -17.17
C LYS B 113 -38.72 -9.53 -17.57
N PHE B 114 -38.77 -10.82 -17.18
CA PHE B 114 -37.66 -11.73 -17.47
C PHE B 114 -37.60 -12.20 -18.91
N ASN B 115 -38.76 -12.40 -19.58
CA ASN B 115 -38.73 -12.72 -21.01
C ASN B 115 -38.09 -11.58 -21.81
N GLU B 116 -38.35 -10.35 -21.40
CA GLU B 116 -37.75 -9.19 -22.07
C GLU B 116 -36.23 -9.16 -21.89
N TYR B 117 -35.73 -9.46 -20.67
CA TYR B 117 -34.27 -9.52 -20.40
C TYR B 117 -33.62 -10.60 -21.29
N ALA B 118 -34.26 -11.80 -21.41
CA ALA B 118 -33.71 -12.88 -22.21
C ALA B 118 -33.64 -12.45 -23.70
N GLU B 119 -34.73 -11.88 -24.24
CA GLU B 119 -34.72 -11.47 -25.65
C GLU B 119 -33.77 -10.32 -25.92
N GLN B 120 -33.70 -9.34 -25.03
CA GLN B 120 -32.77 -8.22 -25.19
C GLN B 120 -31.30 -8.66 -25.10
N SER B 121 -30.98 -9.74 -24.35
CA SER B 121 -29.59 -10.23 -24.30
C SER B 121 -29.16 -10.79 -25.66
N ILE B 122 -30.10 -11.40 -26.39
CA ILE B 122 -29.83 -11.93 -27.71
C ILE B 122 -29.73 -10.77 -28.71
N LEU B 123 -30.70 -9.85 -28.67
CA LEU B 123 -30.74 -8.69 -29.59
C LEU B 123 -29.54 -7.78 -29.46
N SER B 124 -28.96 -7.68 -28.26
CA SER B 124 -27.78 -6.85 -28.07
C SER B 124 -26.46 -7.57 -28.40
N GLY B 125 -26.54 -8.81 -28.88
CA GLY B 125 -25.34 -9.58 -29.22
C GLY B 125 -24.59 -10.11 -28.02
N ASN B 126 -25.23 -10.11 -26.83
CA ASN B 126 -24.60 -10.67 -25.64
C ASN B 126 -24.97 -12.14 -25.38
N ALA B 127 -25.78 -12.72 -26.27
CA ALA B 127 -26.23 -14.10 -26.14
C ALA B 127 -26.83 -14.54 -27.48
N VAL B 128 -26.99 -15.86 -27.67
CA VAL B 128 -27.70 -16.46 -28.77
C VAL B 128 -28.75 -17.44 -28.18
N SER B 129 -29.74 -17.81 -28.99
CA SER B 129 -30.70 -18.81 -28.60
C SER B 129 -30.06 -20.13 -29.05
N ALA B 130 -29.80 -21.05 -28.12
CA ALA B 130 -29.15 -22.31 -28.45
C ALA B 130 -30.00 -23.52 -28.09
N ASN B 131 -29.80 -24.62 -28.82
CA ASN B 131 -30.42 -25.89 -28.46
C ASN B 131 -29.78 -26.41 -27.16
N LEU B 132 -30.51 -27.24 -26.42
CA LEU B 132 -30.00 -27.79 -25.17
C LEU B 132 -29.81 -29.29 -25.32
N TYR B 133 -28.54 -29.74 -25.21
CA TYR B 133 -28.13 -31.14 -25.26
C TYR B 133 -27.55 -31.48 -23.90
N LEU B 134 -27.98 -32.61 -23.32
CA LEU B 134 -27.50 -33.08 -22.02
C LEU B 134 -26.77 -34.39 -22.22
N ASN B 135 -25.74 -34.66 -21.42
CA ASN B 135 -25.04 -35.94 -21.53
C ASN B 135 -25.73 -37.02 -20.66
N GLN B 136 -25.27 -38.28 -20.79
CA GLN B 136 -25.85 -39.40 -20.06
C GLN B 136 -25.69 -39.22 -18.56
N VAL B 137 -24.55 -38.64 -18.11
CA VAL B 137 -24.31 -38.38 -16.68
C VAL B 137 -25.47 -37.54 -16.12
N ARG B 138 -25.87 -36.50 -16.88
CA ARG B 138 -26.92 -35.59 -16.47
C ARG B 138 -28.29 -36.24 -16.39
N ILE B 139 -28.66 -37.07 -17.39
CA ILE B 139 -29.93 -37.78 -17.33
C ILE B 139 -29.99 -38.70 -16.10
N GLU B 140 -28.88 -39.43 -15.84
CA GLU B 140 -28.82 -40.27 -14.64
C GLU B 140 -28.90 -39.45 -13.34
N GLU B 141 -28.29 -38.25 -13.30
CA GLU B 141 -28.38 -37.41 -12.09
C GLU B 141 -29.81 -36.96 -11.90
N LEU B 142 -30.46 -36.45 -12.97
CA LEU B 142 -31.81 -35.91 -12.82
C LEU B 142 -32.82 -36.98 -12.50
N VAL B 143 -32.69 -38.15 -13.11
CA VAL B 143 -33.67 -39.23 -12.84
C VAL B 143 -33.44 -39.92 -11.51
N SER B 144 -32.19 -40.33 -11.23
CA SER B 144 -31.85 -41.16 -10.08
C SER B 144 -31.16 -40.49 -8.89
N LYS B 145 -30.17 -39.61 -9.11
CA LYS B 145 -29.46 -38.97 -7.99
C LYS B 145 -30.36 -37.93 -7.29
N TYR B 146 -30.89 -36.97 -8.07
CA TYR B 146 -31.73 -35.91 -7.55
C TYR B 146 -33.23 -36.18 -7.61
N GLU B 147 -33.67 -37.16 -8.44
CA GLU B 147 -35.10 -37.45 -8.63
C GLU B 147 -35.90 -36.19 -9.00
N SER B 148 -35.29 -35.37 -9.85
CA SER B 148 -35.83 -34.12 -10.39
C SER B 148 -36.77 -34.36 -11.58
N LEU B 149 -36.64 -35.54 -12.22
CA LEU B 149 -37.44 -35.96 -13.37
C LEU B 149 -37.99 -37.34 -13.09
N THR B 150 -39.21 -37.59 -13.63
CA THR B 150 -39.85 -38.89 -13.56
C THR B 150 -39.16 -39.80 -14.61
N PRO B 151 -39.16 -41.12 -14.38
CA PRO B 151 -38.45 -42.02 -15.31
C PRO B 151 -38.89 -41.85 -16.77
N LEU B 152 -37.92 -41.83 -17.67
CA LEU B 152 -38.13 -41.61 -19.09
C LEU B 152 -39.01 -42.70 -19.70
N GLU B 153 -40.02 -42.32 -20.48
CA GLU B 153 -40.91 -43.29 -21.12
C GLU B 153 -40.93 -43.06 -22.62
N LEU B 154 -40.51 -44.07 -23.41
CA LEU B 154 -40.48 -43.93 -24.86
C LEU B 154 -41.85 -43.67 -25.47
N ASP B 155 -41.96 -42.59 -26.25
CA ASP B 155 -43.15 -42.15 -26.98
C ASP B 155 -42.89 -42.58 -28.41
N VAL B 156 -43.33 -43.80 -28.75
CA VAL B 156 -43.11 -44.45 -30.05
C VAL B 156 -43.42 -43.56 -31.27
N ASP B 157 -44.46 -42.70 -31.21
CA ASP B 157 -44.81 -41.82 -32.34
C ASP B 157 -43.76 -40.77 -32.68
N SER B 158 -43.01 -40.29 -31.68
CA SER B 158 -41.95 -39.32 -31.92
C SER B 158 -40.54 -39.92 -31.83
N GLY B 159 -40.41 -41.12 -31.24
CA GLY B 159 -39.11 -41.72 -31.00
C GLY B 159 -38.38 -41.08 -29.81
N MET B 160 -39.05 -40.18 -29.08
CA MET B 160 -38.46 -39.48 -27.94
C MET B 160 -38.97 -40.04 -26.61
N TYR B 161 -38.31 -39.68 -25.51
CA TYR B 161 -38.68 -40.14 -24.17
C TYR B 161 -39.35 -39.00 -23.43
N LYS B 162 -40.57 -39.24 -22.95
CA LYS B 162 -41.36 -38.29 -22.21
C LYS B 162 -41.03 -38.38 -20.70
N THR B 163 -40.92 -37.23 -20.06
CA THR B 163 -40.68 -37.12 -18.62
C THR B 163 -41.33 -35.82 -18.12
N THR B 164 -41.55 -35.73 -16.82
CA THR B 164 -42.05 -34.52 -16.18
C THR B 164 -41.13 -34.19 -14.99
N ALA B 165 -41.14 -32.93 -14.59
CA ALA B 165 -40.38 -32.49 -13.44
C ALA B 165 -41.10 -32.86 -12.15
N THR B 166 -40.32 -33.11 -11.10
CA THR B 166 -40.90 -33.41 -9.79
C THR B 166 -40.98 -32.13 -8.91
N ASN B 167 -40.57 -30.97 -9.44
CA ASN B 167 -40.67 -29.65 -8.82
C ASN B 167 -40.94 -28.60 -9.94
N GLY B 168 -41.18 -27.33 -9.60
CA GLY B 168 -41.60 -26.34 -10.60
C GLY B 168 -43.01 -26.69 -11.06
N ASP B 169 -43.28 -26.64 -12.38
CA ASP B 169 -44.60 -27.01 -12.90
C ASP B 169 -44.58 -28.49 -13.33
N GLN B 170 -45.17 -29.34 -12.50
CA GLN B 170 -45.22 -30.78 -12.69
C GLN B 170 -46.18 -31.22 -13.79
N THR B 171 -46.98 -30.30 -14.37
CA THR B 171 -47.92 -30.68 -15.45
C THR B 171 -47.28 -30.58 -16.86
N ILE B 172 -46.09 -30.02 -16.97
CA ILE B 172 -45.44 -29.84 -18.27
C ILE B 172 -44.62 -31.03 -18.68
N PRO B 173 -44.99 -31.67 -19.80
CA PRO B 173 -44.19 -32.79 -20.29
C PRO B 173 -42.98 -32.29 -21.08
N PHE B 174 -41.87 -32.99 -20.94
CA PHE B 174 -40.66 -32.71 -21.70
C PHE B 174 -40.33 -33.95 -22.53
N PHE B 175 -39.63 -33.76 -23.66
CA PHE B 175 -39.32 -34.88 -24.56
C PHE B 175 -37.83 -34.88 -24.85
N LEU B 176 -37.16 -35.99 -24.61
CA LEU B 176 -35.71 -36.09 -24.81
C LEU B 176 -35.41 -37.01 -25.97
N ASN B 177 -34.50 -36.59 -26.85
CA ASN B 177 -34.18 -37.36 -28.05
C ASN B 177 -32.69 -37.77 -28.07
N LYS B 178 -32.39 -39.03 -28.39
CA LYS B 178 -30.99 -39.46 -28.48
C LYS B 178 -30.43 -38.87 -29.78
N VAL B 179 -29.36 -38.07 -29.68
CA VAL B 179 -28.72 -37.47 -30.84
C VAL B 179 -27.18 -37.63 -30.74
N THR B 180 -26.48 -37.52 -31.88
CA THR B 180 -25.03 -37.55 -31.88
C THR B 180 -24.55 -36.17 -32.26
N VAL B 181 -23.81 -35.51 -31.35
CA VAL B 181 -23.29 -34.19 -31.64
C VAL B 181 -21.78 -34.29 -31.49
N ASP B 182 -21.05 -34.24 -32.62
CA ASP B 182 -19.59 -34.35 -32.66
C ASP B 182 -19.07 -35.59 -31.94
N ASP B 183 -19.51 -36.78 -32.38
CA ASP B 183 -19.13 -38.09 -31.84
C ASP B 183 -19.56 -38.33 -30.39
N LYS B 184 -20.42 -37.46 -29.82
CA LYS B 184 -20.89 -37.66 -28.46
C LYS B 184 -22.37 -38.04 -28.49
N GLU B 185 -22.75 -39.06 -27.73
CA GLU B 185 -24.13 -39.49 -27.66
C GLU B 185 -24.84 -38.67 -26.58
N LEU B 186 -25.57 -37.66 -27.01
CA LEU B 186 -26.27 -36.74 -26.11
C LEU B 186 -27.80 -36.85 -26.23
N TRP B 187 -28.51 -36.10 -25.38
CA TRP B 187 -29.95 -36.07 -25.34
C TRP B 187 -30.38 -34.66 -25.63
N GLN B 188 -31.11 -34.43 -26.73
CA GLN B 188 -31.58 -33.08 -27.02
C GLN B 188 -32.92 -32.88 -26.31
N VAL B 189 -33.10 -31.71 -25.67
CA VAL B 189 -34.35 -31.43 -24.96
C VAL B 189 -35.34 -30.78 -25.91
N HIS B 190 -36.57 -31.29 -25.94
CA HIS B 190 -37.67 -30.76 -26.72
C HIS B 190 -38.87 -30.52 -25.78
N TYR B 191 -39.80 -29.69 -26.23
CA TYR B 191 -41.00 -29.38 -25.46
C TYR B 191 -42.16 -29.05 -26.43
N LEU B 192 -43.37 -28.87 -25.87
CA LEU B 192 -44.52 -28.51 -26.67
C LEU B 192 -44.67 -26.99 -26.68
N ARG B 193 -44.33 -26.39 -27.82
CA ARG B 193 -44.38 -24.94 -28.05
CA ARG B 193 -44.40 -24.95 -28.03
C ARG B 193 -45.66 -24.69 -28.81
N GLU B 194 -46.65 -24.01 -28.21
CA GLU B 194 -47.93 -23.76 -28.86
C GLU B 194 -48.59 -25.09 -29.33
N GLY B 195 -48.41 -26.13 -28.51
CA GLY B 195 -48.97 -27.47 -28.71
C GLY B 195 -48.16 -28.40 -29.58
N GLU B 196 -47.10 -27.88 -30.23
CA GLU B 196 -46.28 -28.65 -31.16
C GLU B 196 -44.86 -28.91 -30.69
N LEU B 197 -44.31 -30.11 -30.95
CA LEU B 197 -42.95 -30.45 -30.53
C LEU B 197 -41.94 -29.49 -31.15
N ALA B 198 -41.06 -28.92 -30.32
CA ALA B 198 -40.06 -27.95 -30.76
C ALA B 198 -38.81 -28.11 -29.91
N PRO B 199 -37.65 -27.74 -30.45
CA PRO B 199 -36.41 -27.84 -29.67
C PRO B 199 -36.39 -26.77 -28.58
N PHE B 200 -36.06 -27.19 -27.37
CA PHE B 200 -36.03 -26.27 -26.22
C PHE B 200 -34.80 -25.37 -26.37
N LYS B 201 -34.99 -24.06 -26.13
CA LYS B 201 -33.92 -23.08 -26.28
C LYS B 201 -33.41 -22.50 -24.95
N VAL B 202 -32.09 -22.41 -24.84
CA VAL B 202 -31.43 -21.80 -23.69
C VAL B 202 -30.50 -20.69 -24.17
N ILE B 203 -30.15 -19.76 -23.27
CA ILE B 203 -29.25 -18.65 -23.57
C ILE B 203 -27.84 -19.21 -23.71
N GLY B 204 -27.23 -18.94 -24.86
CA GLY B 204 -25.90 -19.41 -25.18
C GLY B 204 -24.91 -18.29 -25.44
N ASP B 205 -23.63 -18.59 -25.35
CA ASP B 205 -22.56 -17.61 -25.55
C ASP B 205 -22.55 -17.15 -27.02
N PRO B 206 -22.36 -15.85 -27.29
CA PRO B 206 -22.40 -15.38 -28.68
C PRO B 206 -21.24 -15.83 -29.57
N VAL B 207 -20.12 -16.28 -28.99
CA VAL B 207 -18.97 -16.71 -29.80
C VAL B 207 -18.96 -18.22 -29.99
N SER B 208 -19.11 -18.99 -28.89
CA SER B 208 -19.10 -20.44 -29.00
C SER B 208 -20.45 -21.01 -29.41
N LYS B 209 -21.54 -20.26 -29.20
CA LYS B 209 -22.91 -20.68 -29.45
C LYS B 209 -23.40 -21.73 -28.44
N GLN B 210 -22.57 -22.09 -27.42
CA GLN B 210 -22.96 -23.10 -26.47
C GLN B 210 -23.72 -22.53 -25.29
N PRO B 211 -24.66 -23.34 -24.73
CA PRO B 211 -25.41 -22.89 -23.55
C PRO B 211 -24.53 -22.38 -22.41
N MET B 212 -25.00 -21.38 -21.65
CA MET B 212 -24.25 -20.82 -20.52
C MET B 212 -24.67 -21.52 -19.24
N THR B 213 -23.70 -22.11 -18.52
CA THR B 213 -23.93 -22.65 -17.18
C THR B 213 -23.49 -21.50 -16.22
N ALA B 214 -23.50 -21.74 -14.89
CA ALA B 214 -22.91 -20.82 -13.92
C ALA B 214 -21.39 -20.70 -14.24
N ASP B 215 -20.81 -19.53 -13.99
CA ASP B 215 -19.37 -19.31 -14.23
C ASP B 215 -18.61 -19.35 -12.88
N TYR B 216 -17.29 -19.14 -12.92
CA TYR B 216 -16.51 -18.99 -11.68
C TYR B 216 -16.45 -17.48 -11.46
N ASP B 217 -17.36 -16.98 -10.67
CA ASP B 217 -17.51 -15.57 -10.40
C ASP B 217 -16.55 -15.15 -9.27
N LEU B 218 -15.55 -14.33 -9.60
CA LEU B 218 -14.55 -13.93 -8.59
C LEU B 218 -15.14 -13.00 -7.55
N LEU B 219 -14.99 -13.37 -6.28
CA LEU B 219 -15.48 -12.61 -5.12
C LEU B 219 -14.49 -11.50 -4.78
N THR B 220 -13.20 -11.81 -4.81
CA THR B 220 -12.10 -10.87 -4.53
C THR B 220 -10.77 -11.48 -4.98
N VAL B 221 -9.76 -10.60 -5.17
CA VAL B 221 -8.40 -11.00 -5.47
C VAL B 221 -7.52 -10.15 -4.56
N MET B 222 -6.63 -10.78 -3.79
CA MET B 222 -5.72 -10.02 -2.92
C MET B 222 -4.28 -10.23 -3.37
N TYR B 223 -3.56 -9.12 -3.59
CA TYR B 223 -2.20 -9.12 -4.10
C TYR B 223 -1.16 -8.78 -3.03
N THR B 224 0.06 -9.16 -3.27
CA THR B 224 1.20 -8.79 -2.45
C THR B 224 1.54 -7.32 -2.83
N TYR B 225 2.44 -6.68 -2.06
CA TYR B 225 2.83 -5.30 -2.33
C TYR B 225 3.58 -5.09 -3.62
N GLY B 226 4.35 -6.09 -4.03
CA GLY B 226 5.08 -6.05 -5.29
C GLY B 226 4.18 -6.09 -6.51
N ASP B 227 2.84 -6.01 -6.30
CA ASP B 227 1.79 -5.98 -7.32
C ASP B 227 0.72 -4.89 -7.06
N LEU B 228 0.89 -4.05 -6.01
CA LEU B 228 -0.07 -2.98 -5.71
C LEU B 228 0.48 -1.63 -6.15
N GLY B 229 -0.41 -0.75 -6.61
CA GLY B 229 0.00 0.59 -7.02
C GLY B 229 -0.59 1.07 -8.33
N PRO B 230 0.07 2.04 -8.97
CA PRO B 230 -0.46 2.54 -10.25
C PRO B 230 -0.36 1.47 -11.34
N GLN B 231 0.83 0.89 -11.55
CA GLN B 231 1.03 -0.19 -12.51
C GLN B 231 2.16 -1.12 -12.05
N SER B 278 -9.00 -3.06 -15.27
CA SER B 278 -7.77 -3.25 -14.51
C SER B 278 -6.83 -4.24 -15.21
N ASP B 279 -5.64 -3.78 -15.61
CA ASP B 279 -4.62 -4.56 -16.31
C ASP B 279 -4.19 -5.83 -15.54
N ARG B 280 -3.82 -5.71 -14.26
CA ARG B 280 -3.35 -6.85 -13.48
C ARG B 280 -4.42 -7.94 -13.36
N LEU B 281 -5.67 -7.54 -13.06
CA LEU B 281 -6.80 -8.46 -12.94
C LEU B 281 -7.11 -9.12 -14.29
N LYS B 282 -7.01 -8.36 -15.40
CA LYS B 282 -7.21 -8.90 -16.75
C LYS B 282 -6.18 -9.99 -17.01
N GLU B 283 -4.90 -9.72 -16.68
CA GLU B 283 -3.83 -10.67 -16.86
C GLU B 283 -4.05 -11.91 -16.00
N LEU B 284 -4.47 -11.72 -14.74
CA LEU B 284 -4.74 -12.87 -13.86
C LEU B 284 -5.89 -13.72 -14.41
N LYS B 285 -6.96 -13.08 -14.90
CA LYS B 285 -8.09 -13.82 -15.47
C LYS B 285 -7.68 -14.65 -16.67
N ASP B 286 -6.76 -14.13 -17.50
CA ASP B 286 -6.26 -14.87 -18.66
C ASP B 286 -5.43 -16.06 -18.24
N VAL B 287 -4.62 -15.91 -17.18
CA VAL B 287 -3.83 -17.02 -16.65
C VAL B 287 -4.77 -18.11 -16.12
N ILE B 288 -5.86 -17.71 -15.44
CA ILE B 288 -6.83 -18.66 -14.90
C ILE B 288 -7.47 -19.47 -16.03
N ASN B 289 -7.98 -18.79 -17.07
CA ASN B 289 -8.61 -19.49 -18.20
C ASN B 289 -7.59 -20.37 -18.91
N THR B 290 -6.35 -19.89 -19.07
CA THR B 290 -5.31 -20.69 -19.72
C THR B 290 -5.03 -21.95 -18.91
N SER B 291 -4.93 -21.83 -17.57
CA SER B 291 -4.66 -22.98 -16.72
C SER B 291 -5.85 -23.94 -16.62
N LEU B 292 -7.08 -23.43 -16.74
CA LEU B 292 -8.27 -24.28 -16.72
C LEU B 292 -8.38 -25.18 -17.99
N GLY B 293 -7.72 -24.75 -19.06
CA GLY B 293 -7.52 -25.48 -20.31
C GLY B 293 -8.73 -25.89 -21.10
N ARG B 294 -9.78 -25.09 -21.03
CA ARG B 294 -10.98 -25.39 -21.78
C ARG B 294 -10.81 -24.98 -23.22
N THR B 295 -11.63 -25.54 -24.12
CA THR B 295 -11.59 -25.19 -25.55
C THR B 295 -11.86 -23.68 -25.68
N ASP B 296 -11.21 -22.99 -26.63
CA ASP B 296 -11.44 -21.55 -26.85
C ASP B 296 -12.93 -21.26 -27.07
N GLY B 297 -13.47 -20.30 -26.32
CA GLY B 297 -14.88 -19.94 -26.34
C GLY B 297 -15.67 -20.49 -25.15
N LEU B 298 -15.15 -21.53 -24.46
CA LEU B 298 -15.83 -22.16 -23.31
C LEU B 298 -15.22 -21.76 -21.95
N GLU B 299 -14.74 -20.54 -21.85
CA GLU B 299 -14.10 -20.04 -20.62
C GLU B 299 -15.04 -20.03 -19.41
N MET B 300 -14.47 -20.32 -18.22
CA MET B 300 -15.23 -20.26 -16.96
C MET B 300 -15.09 -18.88 -16.27
N VAL B 301 -14.09 -18.07 -16.66
CA VAL B 301 -13.88 -16.77 -16.03
C VAL B 301 -14.02 -15.68 -17.08
N HIS B 302 -14.80 -14.65 -16.78
CA HIS B 302 -15.03 -13.57 -17.74
C HIS B 302 -14.44 -12.22 -17.30
N HIS B 303 -13.88 -11.48 -18.27
CA HIS B 303 -13.32 -10.15 -18.04
C HIS B 303 -14.45 -9.20 -17.73
N GLY B 304 -14.19 -8.30 -16.79
CA GLY B 304 -15.21 -7.37 -16.34
C GLY B 304 -16.08 -8.00 -15.28
N ALA B 305 -17.11 -7.26 -14.86
CA ALA B 305 -18.03 -7.70 -13.83
C ALA B 305 -19.34 -6.91 -13.92
N ASP B 306 -20.46 -7.56 -13.62
CA ASP B 306 -21.75 -6.91 -13.60
C ASP B 306 -21.89 -6.08 -12.30
N ASP B 307 -22.94 -5.25 -12.22
CA ASP B 307 -23.28 -4.43 -11.05
C ASP B 307 -23.30 -5.24 -9.74
N ALA B 308 -23.13 -4.55 -8.59
CA ALA B 308 -23.12 -5.19 -7.27
C ALA B 308 -24.46 -5.83 -6.90
N ASN B 309 -25.58 -5.26 -7.42
CA ASN B 309 -26.96 -5.73 -7.19
C ASN B 309 -27.48 -5.53 -5.75
N PRO B 310 -28.77 -5.19 -5.58
CA PRO B 310 -29.31 -5.02 -4.23
C PRO B 310 -29.87 -6.33 -3.66
N TYR B 311 -29.05 -7.39 -3.65
CA TYR B 311 -29.48 -8.71 -3.17
C TYR B 311 -28.50 -9.29 -2.14
N ALA B 312 -28.95 -10.35 -1.42
CA ALA B 312 -28.10 -10.99 -0.42
C ALA B 312 -28.21 -12.57 -0.50
N VAL B 313 -28.83 -13.33 0.46
CA VAL B 313 -28.95 -14.80 0.48
C VAL B 313 -27.58 -15.47 0.60
N MET B 314 -27.39 -16.21 1.70
CA MET B 314 -26.16 -16.93 2.03
C MET B 314 -25.66 -17.84 0.92
N ALA B 315 -26.57 -18.55 0.23
CA ALA B 315 -26.21 -19.46 -0.88
C ALA B 315 -25.55 -18.75 -2.08
N ASP B 316 -25.62 -17.41 -2.14
CA ASP B 316 -25.03 -16.65 -3.23
C ASP B 316 -23.57 -16.30 -3.00
N ASN B 317 -23.15 -16.13 -1.73
CA ASN B 317 -21.74 -15.77 -1.43
C ASN B 317 -20.99 -16.83 -0.65
N PHE B 318 -21.70 -17.72 0.04
CA PHE B 318 -21.11 -18.82 0.80
C PHE B 318 -21.73 -20.16 0.36
N PRO B 319 -20.97 -21.27 0.40
CA PRO B 319 -19.55 -21.37 0.78
C PRO B 319 -18.62 -20.95 -0.35
N ALA B 320 -17.74 -20.00 -0.06
CA ALA B 320 -16.80 -19.49 -1.04
C ALA B 320 -15.54 -20.33 -1.01
N THR B 321 -14.88 -20.47 -2.17
CA THR B 321 -13.63 -21.24 -2.23
C THR B 321 -12.50 -20.25 -2.43
N PHE B 322 -11.56 -20.21 -1.49
CA PHE B 322 -10.40 -19.34 -1.57
C PHE B 322 -9.18 -20.17 -1.87
N PHE B 323 -8.30 -19.62 -2.68
CA PHE B 323 -7.06 -20.25 -3.09
C PHE B 323 -5.94 -19.32 -2.69
N VAL B 324 -4.92 -19.84 -2.01
CA VAL B 324 -3.81 -19.03 -1.48
C VAL B 324 -2.43 -19.60 -1.86
N PRO B 325 -1.39 -18.74 -1.80
CA PRO B 325 -0.01 -19.25 -1.98
C PRO B 325 0.32 -20.32 -0.95
N LYS B 326 1.17 -21.29 -1.32
CA LYS B 326 1.48 -22.46 -0.49
C LYS B 326 2.16 -22.16 0.83
N HIS B 327 2.85 -21.02 0.95
CA HIS B 327 3.50 -20.68 2.21
C HIS B 327 2.50 -20.61 3.39
N PHE B 328 1.21 -20.35 3.11
CA PHE B 328 0.17 -20.31 4.14
C PHE B 328 -0.05 -21.69 4.79
N PHE B 329 0.23 -22.78 4.06
CA PHE B 329 0.03 -24.14 4.55
C PHE B 329 1.22 -24.68 5.37
N ASP B 330 2.34 -23.97 5.40
CA ASP B 330 3.52 -24.34 6.17
C ASP B 330 3.24 -24.17 7.67
N ASP B 331 4.04 -24.81 8.53
CA ASP B 331 3.85 -24.71 9.98
C ASP B 331 4.02 -23.28 10.52
N ASP B 332 4.76 -22.44 9.81
CA ASP B 332 4.91 -21.02 10.13
C ASP B 332 4.04 -20.14 9.19
N GLY B 333 2.93 -20.69 8.69
CA GLY B 333 2.04 -20.05 7.74
C GLY B 333 1.47 -18.73 8.20
N LEU B 334 0.97 -18.68 9.44
CA LEU B 334 0.39 -17.44 9.97
C LEU B 334 1.36 -16.59 10.79
N GLY B 335 2.66 -16.83 10.65
CA GLY B 335 3.67 -16.09 11.39
C GLY B 335 4.94 -16.89 11.59
N GLU B 336 5.40 -17.00 12.85
CA GLU B 336 6.63 -17.74 13.16
C GLU B 336 6.26 -19.07 13.86
N GLY B 337 5.58 -18.97 14.99
CA GLY B 337 5.06 -20.14 15.69
C GLY B 337 3.55 -20.02 15.83
N LYS B 338 2.90 -19.39 14.84
CA LYS B 338 1.47 -19.11 14.82
C LYS B 338 0.60 -20.21 14.22
N GLY B 339 1.21 -21.16 13.51
CA GLY B 339 0.47 -22.27 12.94
C GLY B 339 0.16 -22.14 11.46
N SER B 340 -0.46 -23.19 10.93
CA SER B 340 -0.85 -23.25 9.51
CA SER B 340 -0.86 -23.26 9.52
C SER B 340 -2.26 -22.71 9.31
N ILE B 341 -2.58 -22.24 8.09
CA ILE B 341 -3.92 -21.72 7.80
C ILE B 341 -4.99 -22.80 7.93
N GLN B 342 -4.68 -24.06 7.56
CA GLN B 342 -5.61 -25.20 7.65
C GLN B 342 -5.94 -25.62 9.09
N THR B 343 -5.18 -25.11 10.07
CA THR B 343 -5.48 -25.35 11.48
C THR B 343 -6.73 -24.52 11.86
N TYR B 344 -6.87 -23.30 11.32
CA TYR B 344 -7.94 -22.38 11.71
C TYR B 344 -9.07 -22.26 10.70
N PHE B 345 -8.81 -22.63 9.44
CA PHE B 345 -9.83 -22.59 8.41
C PHE B 345 -9.93 -23.98 7.78
N ASN B 346 -11.11 -24.32 7.30
CA ASN B 346 -11.34 -25.60 6.66
C ASN B 346 -10.75 -25.62 5.26
N VAL B 347 -9.67 -26.37 5.07
CA VAL B 347 -9.02 -26.53 3.78
C VAL B 347 -9.18 -27.98 3.33
N ASN B 348 -9.58 -28.23 2.08
CA ASN B 348 -9.74 -29.61 1.60
C ASN B 348 -8.41 -30.15 1.00
N GLU B 349 -8.42 -31.38 0.46
CA GLU B 349 -7.29 -32.07 -0.15
CA GLU B 349 -7.19 -31.97 -0.06
C GLU B 349 -6.71 -31.32 -1.36
N GLN B 350 -7.56 -30.53 -2.01
CA GLN B 350 -7.17 -29.79 -3.21
C GLN B 350 -6.60 -28.39 -2.92
N GLY B 351 -6.54 -28.00 -1.65
CA GLY B 351 -6.03 -26.67 -1.28
C GLY B 351 -7.09 -25.58 -1.27
N ALA B 352 -8.36 -25.94 -1.43
CA ALA B 352 -9.44 -24.96 -1.38
C ALA B 352 -9.70 -24.60 0.08
N VAL B 353 -9.65 -23.29 0.43
CA VAL B 353 -9.95 -22.79 1.76
C VAL B 353 -11.43 -22.42 1.71
N VAL B 354 -12.24 -23.16 2.45
CA VAL B 354 -13.68 -22.96 2.41
C VAL B 354 -14.17 -21.96 3.42
N ILE B 355 -14.77 -20.87 2.95
CA ILE B 355 -15.28 -19.80 3.79
C ILE B 355 -16.80 -19.91 3.81
N GLN B 356 -17.36 -20.23 4.99
CA GLN B 356 -18.78 -20.57 5.10
C GLN B 356 -19.75 -19.49 5.58
N ASN B 357 -19.24 -18.42 6.18
CA ASN B 357 -20.11 -17.37 6.72
C ASN B 357 -19.37 -16.00 6.82
N PRO B 358 -20.09 -14.90 7.08
CA PRO B 358 -19.43 -13.59 7.13
C PRO B 358 -18.35 -13.43 8.19
N GLN B 359 -18.48 -14.11 9.34
CA GLN B 359 -17.50 -14.00 10.42
C GLN B 359 -16.19 -14.67 10.02
N GLU B 360 -16.28 -15.82 9.35
CA GLU B 360 -15.12 -16.54 8.84
C GLU B 360 -14.46 -15.73 7.73
N PHE B 361 -15.26 -15.09 6.86
CA PHE B 361 -14.76 -14.25 5.76
C PHE B 361 -13.97 -13.07 6.36
N SER B 362 -14.52 -12.43 7.39
N SER B 362 -14.50 -12.42 7.39
CA SER B 362 -13.85 -11.32 8.07
CA SER B 362 -13.79 -11.31 8.03
C SER B 362 -12.52 -11.77 8.67
C SER B 362 -12.48 -11.78 8.66
N ASN B 363 -12.51 -12.93 9.32
CA ASN B 363 -11.30 -13.47 9.95
C ASN B 363 -10.24 -13.82 8.91
N PHE B 364 -10.66 -14.45 7.81
CA PHE B 364 -9.74 -14.81 6.72
C PHE B 364 -9.14 -13.53 6.10
N GLN B 365 -9.99 -12.52 5.83
CA GLN B 365 -9.52 -11.25 5.27
C GLN B 365 -8.48 -10.58 6.19
N GLN B 366 -8.72 -10.62 7.50
CA GLN B 366 -7.76 -10.04 8.46
C GLN B 366 -6.43 -10.78 8.40
N VAL B 367 -6.46 -12.10 8.32
CA VAL B 367 -5.25 -12.94 8.26
C VAL B 367 -4.48 -12.62 6.98
N ALA B 368 -5.19 -12.47 5.86
CA ALA B 368 -4.57 -12.14 4.57
C ALA B 368 -3.95 -10.75 4.64
N ILE B 369 -4.68 -9.76 5.19
CA ILE B 369 -4.19 -8.36 5.28
C ILE B 369 -2.95 -8.31 6.17
N ASN B 370 -2.97 -9.07 7.29
CA ASN B 370 -1.83 -9.16 8.21
C ASN B 370 -0.60 -9.76 7.53
N ALA B 371 -0.81 -10.66 6.55
CA ALA B 371 0.24 -11.27 5.73
C ALA B 371 0.66 -10.41 4.52
N SER B 372 0.16 -9.18 4.43
CA SER B 372 0.46 -8.20 3.41
C SER B 372 -0.12 -8.54 2.03
N TYR B 373 -1.32 -9.17 2.02
CA TYR B 373 -2.09 -9.39 0.79
C TYR B 373 -3.31 -8.50 0.92
N ARG B 374 -3.54 -7.65 -0.08
CA ARG B 374 -4.65 -6.70 -0.06
C ARG B 374 -5.36 -6.64 -1.38
N ALA B 375 -6.65 -6.34 -1.34
CA ALA B 375 -7.42 -6.10 -2.57
C ALA B 375 -6.93 -4.75 -3.12
N SER B 376 -6.77 -4.67 -4.43
CA SER B 376 -6.27 -3.50 -5.13
C SER B 376 -7.24 -2.32 -5.05
N LEU B 377 -6.70 -1.10 -5.20
CA LEU B 377 -7.51 0.11 -5.24
C LEU B 377 -8.19 0.22 -6.61
N ASN B 378 -7.46 -0.17 -7.68
CA ASN B 378 -7.88 -0.18 -9.08
C ASN B 378 -9.02 -1.18 -9.36
N ASP B 379 -9.24 -2.17 -8.47
CA ASP B 379 -10.28 -3.19 -8.65
C ASP B 379 -11.58 -2.83 -7.92
N LYS B 380 -12.71 -3.34 -8.44
CA LYS B 380 -14.03 -3.11 -7.87
C LYS B 380 -14.62 -4.44 -7.37
N TRP B 381 -14.92 -4.54 -6.07
CA TRP B 381 -15.50 -5.75 -5.49
C TRP B 381 -16.72 -5.45 -4.60
N ASN B 382 -17.57 -6.48 -4.41
CA ASN B 382 -18.74 -6.43 -3.54
C ASN B 382 -18.43 -7.35 -2.34
N SER B 383 -17.25 -7.21 -1.74
CA SER B 383 -16.80 -8.04 -0.63
C SER B 383 -17.39 -7.62 0.71
N GLY B 384 -18.35 -8.40 1.19
CA GLY B 384 -19.00 -8.12 2.47
C GLY B 384 -20.22 -8.98 2.72
N LEU B 385 -21.34 -8.66 2.04
CA LEU B 385 -22.64 -9.32 2.18
C LEU B 385 -23.34 -8.87 3.48
N ASP B 386 -22.79 -9.26 4.64
CA ASP B 386 -23.32 -8.81 5.94
C ASP B 386 -22.28 -7.80 6.55
N SER B 387 -22.23 -7.60 7.90
CA SER B 387 -21.26 -6.64 8.44
C SER B 387 -20.63 -6.98 9.82
N PRO B 388 -20.03 -8.19 10.00
CA PRO B 388 -19.30 -8.44 11.24
C PRO B 388 -17.90 -7.86 11.04
N LEU B 389 -17.74 -6.57 11.38
CA LEU B 389 -16.53 -5.75 11.26
C LEU B 389 -15.95 -5.78 9.82
N PHE B 390 -16.67 -5.17 8.86
CA PHE B 390 -16.24 -5.12 7.46
C PHE B 390 -15.71 -3.77 6.99
N THR B 391 -15.84 -2.71 7.80
CA THR B 391 -15.38 -1.38 7.41
C THR B 391 -13.85 -1.29 7.31
N THR B 392 -13.33 -0.25 6.65
CA THR B 392 -11.89 -0.04 6.48
C THR B 392 -11.18 0.06 7.84
N LYS B 393 -11.80 0.74 8.82
CA LYS B 393 -11.26 0.90 10.17
C LYS B 393 -11.20 -0.45 10.92
N ARG B 394 -12.15 -1.34 10.64
CA ARG B 394 -12.20 -2.65 11.26
C ARG B 394 -11.14 -3.59 10.68
N LYS B 395 -10.80 -3.44 9.38
CA LYS B 395 -9.84 -4.33 8.76
C LYS B 395 -8.42 -3.75 8.62
N LEU B 396 -8.04 -2.79 9.48
CA LEU B 396 -6.67 -2.24 9.43
C LEU B 396 -5.66 -3.32 9.75
N SER B 397 -4.53 -3.34 9.03
CA SER B 397 -3.49 -4.31 9.29
C SER B 397 -2.96 -4.23 10.73
N HIS B 398 -2.65 -5.39 11.31
CA HIS B 398 -2.14 -5.45 12.67
C HIS B 398 -0.73 -4.88 12.77
N ASP B 399 0.06 -4.90 11.68
CA ASP B 399 1.37 -4.29 11.68
C ASP B 399 1.23 -2.77 11.79
N TYR B 400 0.22 -2.18 11.13
CA TYR B 400 -0.07 -0.75 11.25
C TYR B 400 -0.46 -0.41 12.71
N LEU B 401 -1.44 -1.13 13.28
CA LEU B 401 -1.91 -0.85 14.63
C LEU B 401 -0.84 -1.06 15.68
N ASP B 402 -0.03 -2.12 15.54
CA ASP B 402 1.04 -2.39 16.50
C ASP B 402 2.14 -1.30 16.42
N ALA B 403 2.50 -0.87 15.20
CA ALA B 403 3.54 0.18 15.06
C ALA B 403 3.04 1.48 15.66
N ARG B 404 1.75 1.82 15.44
CA ARG B 404 1.15 3.03 16.03
C ARG B 404 1.23 2.96 17.55
N ASP B 405 0.91 1.79 18.13
CA ASP B 405 1.04 1.61 19.59
C ASP B 405 2.48 1.78 20.08
N GLU B 406 3.47 1.20 19.38
CA GLU B 406 4.87 1.33 19.77
C GLU B 406 5.39 2.76 19.66
N VAL B 407 5.03 3.45 18.58
CA VAL B 407 5.45 4.84 18.39
C VAL B 407 4.79 5.72 19.45
N ALA B 408 3.48 5.54 19.73
CA ALA B 408 2.83 6.35 20.76
C ALA B 408 3.53 6.19 22.12
N LYS B 409 3.95 4.96 22.44
CA LYS B 409 4.66 4.66 23.68
C LYS B 409 6.07 5.31 23.69
N LYS B 410 6.84 5.13 22.60
CA LYS B 410 8.20 5.65 22.44
C LYS B 410 8.24 7.19 22.41
N LEU B 411 7.22 7.81 21.82
CA LEU B 411 7.15 9.27 21.76
C LEU B 411 6.87 9.94 23.12
N GLY B 412 6.53 9.15 24.14
CA GLY B 412 6.26 9.65 25.48
C GLY B 412 4.77 9.73 25.78
N SER B 445 27.10 39.17 39.91
CA SER B 445 25.92 40.04 39.92
C SER B 445 25.28 40.12 38.54
N PRO B 446 24.05 39.61 38.39
CA PRO B 446 23.38 39.68 37.09
C PRO B 446 22.68 41.01 36.85
N PRO B 447 22.74 41.53 35.60
CA PRO B 447 22.08 42.80 35.28
C PRO B 447 20.58 42.78 35.57
N PRO B 448 19.99 43.93 35.89
CA PRO B 448 18.56 43.96 36.20
C PRO B 448 17.69 43.74 34.96
N PRO B 449 16.71 42.83 35.05
CA PRO B 449 15.82 42.61 33.90
C PRO B 449 14.88 43.79 33.64
N PRO B 450 14.34 43.91 32.42
CA PRO B 450 13.43 45.04 32.15
C PRO B 450 12.12 44.98 32.96
N GLY B 451 11.53 46.15 33.21
CA GLY B 451 10.31 46.27 33.97
C GLY B 451 10.51 46.20 35.47
N GLY B 452 11.67 46.63 35.93
CA GLY B 452 12.03 46.60 37.34
C GLY B 452 13.16 45.64 37.62
N ALA B 453 12.90 44.63 38.48
CA ALA B 453 13.90 43.63 38.84
C ALA B 453 13.27 42.26 39.15
N GLY B 454 14.06 41.20 39.02
CA GLY B 454 13.60 39.85 39.27
C GLY B 454 13.67 38.90 38.09
N TRP B 455 14.83 38.27 37.86
CA TRP B 455 14.96 37.30 36.78
C TRP B 455 14.17 36.01 37.08
N ASN B 456 13.84 35.74 38.36
CA ASN B 456 13.03 34.58 38.74
C ASN B 456 11.65 34.62 38.06
N ALA B 457 11.10 35.84 37.84
CA ALA B 457 9.80 36.01 37.17
C ALA B 457 9.85 35.48 35.73
N TYR B 458 10.99 35.62 35.06
CA TYR B 458 11.18 35.12 33.71
C TYR B 458 11.16 33.59 33.67
N ILE B 459 11.78 32.95 34.67
CA ILE B 459 11.78 31.49 34.77
C ILE B 459 10.34 31.02 35.03
N ASP B 460 9.61 31.72 35.93
CA ASP B 460 8.21 31.42 36.24
C ASP B 460 7.36 31.49 34.99
N ASN B 461 7.61 32.49 34.13
CA ASN B 461 6.88 32.63 32.86
C ASN B 461 7.09 31.42 31.96
N LEU B 462 8.35 31.01 31.76
CA LEU B 462 8.72 29.87 30.94
C LEU B 462 8.14 28.55 31.45
N MET B 463 8.03 28.43 32.77
CA MET B 463 7.54 27.21 33.42
C MET B 463 6.01 27.13 33.60
N ALA B 464 5.32 28.27 33.42
CA ALA B 464 3.88 28.39 33.63
C ALA B 464 2.97 27.39 32.91
N ASP B 465 3.20 27.10 31.62
CA ASP B 465 2.26 26.26 30.88
C ASP B 465 2.41 24.75 31.09
N GLY B 466 3.36 24.33 31.91
CA GLY B 466 3.50 22.92 32.26
C GLY B 466 4.18 22.03 31.23
N THR B 467 4.70 22.61 30.14
CA THR B 467 5.38 21.79 29.13
C THR B 467 6.86 21.57 29.45
N CYS B 468 7.48 22.46 30.23
CA CYS B 468 8.89 22.37 30.53
C CYS B 468 9.18 21.88 31.93
N GLN B 469 10.25 21.10 32.07
CA GLN B 469 10.77 20.67 33.37
C GLN B 469 11.94 21.53 33.84
N ASP B 470 12.57 22.29 32.92
CA ASP B 470 13.72 23.12 33.28
C ASP B 470 13.78 24.33 32.38
N ALA B 471 14.34 25.41 32.92
CA ALA B 471 14.45 26.68 32.22
C ALA B 471 15.58 27.48 32.83
N ALA B 472 16.29 28.28 32.01
CA ALA B 472 17.39 29.12 32.50
C ALA B 472 17.71 30.28 31.59
N ILE B 473 18.22 31.36 32.18
CA ILE B 473 18.70 32.53 31.46
C ILE B 473 20.14 32.66 31.89
N VAL B 474 21.06 32.57 30.95
CA VAL B 474 22.49 32.57 31.25
C VAL B 474 23.24 33.69 30.54
N GLY B 475 24.01 34.49 31.29
CA GLY B 475 24.82 35.52 30.65
C GLY B 475 26.03 34.83 30.03
N TYR B 476 26.35 35.12 28.76
CA TYR B 476 27.49 34.47 28.11
C TYR B 476 28.66 35.40 27.82
N LYS B 477 28.48 36.72 27.96
CA LYS B 477 29.58 37.65 27.75
C LYS B 477 30.50 37.69 28.98
N ASP B 478 31.77 38.08 28.77
CA ASP B 478 32.77 38.21 29.83
C ASP B 478 32.90 36.89 30.63
N SER B 479 32.55 36.88 31.93
CA SER B 479 32.59 35.65 32.73
C SER B 479 31.17 35.12 32.74
N PRO B 480 30.91 34.01 32.02
CA PRO B 480 29.54 33.49 31.96
C PRO B 480 28.95 33.08 33.31
N SER B 481 27.64 33.28 33.49
CA SER B 481 26.98 32.86 34.73
C SER B 481 25.48 32.66 34.58
N VAL B 482 24.89 31.83 35.42
CA VAL B 482 23.47 31.60 35.42
C VAL B 482 22.76 32.77 36.10
N TRP B 483 21.97 33.53 35.35
CA TRP B 483 21.24 34.66 35.92
C TRP B 483 20.01 34.17 36.70
N ALA B 484 19.33 33.14 36.19
CA ALA B 484 18.19 32.53 36.87
C ALA B 484 17.95 31.16 36.28
N ALA B 485 17.49 30.21 37.09
CA ALA B 485 17.22 28.85 36.63
C ALA B 485 16.29 28.12 37.62
N VAL B 486 15.67 27.02 37.20
CA VAL B 486 14.82 26.23 38.07
C VAL B 486 15.69 25.52 39.11
N PRO B 487 15.42 25.74 40.40
CA PRO B 487 16.24 25.09 41.44
C PRO B 487 16.16 23.56 41.42
N GLY B 488 17.27 22.90 41.69
CA GLY B 488 17.33 21.44 41.74
C GLY B 488 17.18 20.69 40.43
N LYS B 489 17.38 21.38 39.30
CA LYS B 489 17.28 20.74 38.00
C LYS B 489 18.68 20.68 37.33
N THR B 490 18.80 20.80 36.00
CA THR B 490 20.09 20.69 35.32
C THR B 490 20.75 22.03 34.98
N PHE B 491 20.01 22.93 34.31
CA PHE B 491 20.54 24.20 33.81
C PHE B 491 21.20 25.09 34.86
N VAL B 492 20.73 25.00 36.10
CA VAL B 492 21.30 25.78 37.21
C VAL B 492 22.81 25.52 37.40
N ASN B 493 23.25 24.31 37.03
CA ASN B 493 24.65 23.87 37.16
C ASN B 493 25.50 24.09 35.92
N ILE B 494 24.97 24.77 34.88
CA ILE B 494 25.75 25.02 33.65
C ILE B 494 27.04 25.76 33.95
N THR B 495 28.15 25.33 33.34
CA THR B 495 29.44 25.93 33.60
C THR B 495 29.92 26.82 32.45
N PRO B 496 30.93 27.68 32.71
CA PRO B 496 31.50 28.49 31.61
C PRO B 496 32.09 27.63 30.50
N ALA B 497 32.68 26.45 30.82
CA ALA B 497 33.23 25.57 29.78
C ALA B 497 32.10 25.06 28.86
N GLU B 498 30.94 24.75 29.46
CA GLU B 498 29.80 24.28 28.69
C GLU B 498 29.22 25.39 27.85
N VAL B 499 29.20 26.62 28.36
CA VAL B 499 28.73 27.78 27.57
C VAL B 499 29.68 28.00 26.38
N GLY B 500 30.99 27.84 26.61
CA GLY B 500 31.99 27.99 25.56
C GLY B 500 31.81 27.05 24.40
N VAL B 501 31.34 25.81 24.68
CA VAL B 501 31.08 24.84 23.62
C VAL B 501 29.87 25.30 22.83
N LEU B 502 28.80 25.72 23.53
CA LEU B 502 27.59 26.16 22.85
C LEU B 502 27.82 27.34 21.93
N VAL B 503 28.56 28.35 22.39
CA VAL B 503 28.77 29.56 21.59
C VAL B 503 30.10 29.59 20.83
N GLY B 504 30.93 28.56 20.97
CA GLY B 504 32.26 28.53 20.36
C GLY B 504 32.32 28.63 18.85
N LYS B 505 33.50 29.03 18.35
CA LYS B 505 33.73 29.12 16.90
C LYS B 505 33.58 27.75 16.20
N ASP B 506 34.10 26.69 16.80
CA ASP B 506 34.06 25.35 16.23
C ASP B 506 32.63 24.84 16.26
N ARG B 507 32.05 24.49 15.10
CA ARG B 507 30.67 24.00 15.00
C ARG B 507 30.60 22.54 14.54
N SER B 508 31.65 21.74 14.81
CA SER B 508 31.64 20.35 14.34
C SER B 508 32.18 19.33 15.34
N SER B 509 33.03 19.73 16.31
CA SER B 509 33.56 18.75 17.26
C SER B 509 32.46 18.17 18.16
N PHE B 510 31.37 18.94 18.40
CA PHE B 510 30.27 18.41 19.24
C PHE B 510 29.46 17.32 18.53
N TYR B 511 29.75 17.02 17.24
CA TYR B 511 29.10 15.91 16.54
C TYR B 511 29.84 14.56 16.77
N VAL B 512 31.01 14.58 17.39
CA VAL B 512 31.74 13.36 17.69
C VAL B 512 30.95 12.54 18.72
N ASN B 513 30.55 13.15 19.83
CA ASN B 513 29.78 12.49 20.88
C ASN B 513 28.98 13.44 21.75
N GLY B 514 28.51 14.53 21.15
CA GLY B 514 27.64 15.47 21.86
C GLY B 514 28.36 16.47 22.74
N LEU B 515 27.61 17.05 23.65
CA LEU B 515 28.13 18.03 24.59
C LEU B 515 27.38 17.86 25.92
N THR B 516 27.71 18.65 26.94
CA THR B 516 26.97 18.55 28.20
C THR B 516 26.35 19.88 28.60
N LEU B 517 25.27 19.81 29.37
CA LEU B 517 24.61 21.00 29.93
C LEU B 517 24.34 20.64 31.38
N GLY B 518 24.99 21.36 32.32
CA GLY B 518 24.90 21.02 33.75
C GLY B 518 25.37 19.59 34.02
N GLY B 519 26.31 19.11 33.20
CA GLY B 519 26.82 17.74 33.31
C GLY B 519 26.00 16.69 32.59
N GLN B 520 24.80 17.05 32.12
CA GLN B 520 23.94 16.10 31.40
C GLN B 520 24.37 16.01 29.93
N LYS B 521 24.66 14.79 29.45
CA LYS B 521 25.05 14.55 28.06
C LYS B 521 23.85 14.80 27.15
N CYS B 522 24.07 15.52 26.04
CA CYS B 522 23.08 15.84 25.01
C CYS B 522 23.68 15.60 23.64
N SER B 523 22.83 15.35 22.67
CA SER B 523 23.24 15.25 21.28
C SER B 523 22.71 16.50 20.61
N VAL B 524 23.42 17.00 19.61
CA VAL B 524 22.95 18.17 18.86
C VAL B 524 22.07 17.68 17.72
N ILE B 525 20.83 18.17 17.65
CA ILE B 525 19.90 17.81 16.60
CA ILE B 525 19.90 17.81 16.59
C ILE B 525 20.03 18.83 15.46
N ARG B 526 19.97 20.13 15.79
CA ARG B 526 20.09 21.18 14.79
C ARG B 526 20.94 22.28 15.37
N ASP B 527 21.91 22.77 14.59
CA ASP B 527 22.70 23.89 15.02
C ASP B 527 22.37 25.07 14.11
N SER B 528 21.44 25.92 14.57
CA SER B 528 21.06 27.12 13.82
C SER B 528 21.63 28.36 14.56
N LEU B 529 22.66 28.19 15.41
CA LEU B 529 23.18 29.29 16.20
C LEU B 529 23.61 30.49 15.34
N LEU B 530 24.04 30.22 14.09
CA LEU B 530 24.51 31.26 13.14
C LEU B 530 23.47 31.59 12.04
N GLN B 531 22.26 31.06 12.15
CA GLN B 531 21.23 31.29 11.14
CA GLN B 531 21.20 31.25 11.16
C GLN B 531 20.40 32.50 11.54
N ASP B 532 20.39 33.52 10.66
CA ASP B 532 19.66 34.77 10.95
C ASP B 532 18.21 34.50 11.24
N GLY B 533 17.70 35.21 12.23
CA GLY B 533 16.32 35.08 12.66
C GLY B 533 16.03 33.87 13.49
N GLU B 534 17.04 33.00 13.78
CA GLU B 534 16.79 31.81 14.61
C GLU B 534 17.75 31.79 15.79
N PHE B 535 19.09 31.82 15.53
CA PHE B 535 20.15 31.87 16.57
C PHE B 535 19.92 30.83 17.67
N SER B 536 19.49 29.64 17.27
CA SER B 536 19.12 28.61 18.22
C SER B 536 19.80 27.28 17.96
N MET B 537 19.80 26.41 18.95
CA MET B 537 20.31 25.05 18.82
C MET B 537 19.27 24.15 19.44
N ASP B 538 18.93 23.04 18.77
CA ASP B 538 18.01 22.07 19.32
C ASP B 538 18.81 20.84 19.64
N LEU B 539 18.61 20.31 20.85
CA LEU B 539 19.33 19.16 21.34
C LEU B 539 18.34 18.18 21.97
N ARG B 540 18.82 16.99 22.26
CA ARG B 540 18.04 16.00 22.99
C ARG B 540 19.00 15.32 23.95
N THR B 541 18.59 15.16 25.23
CA THR B 541 19.47 14.50 26.21
C THR B 541 19.68 13.03 25.78
N LYS B 542 20.74 12.43 26.29
CA LYS B 542 21.09 11.05 26.07
C LYS B 542 21.07 10.37 27.43
N SER B 543 20.40 9.22 27.52
CA SER B 543 20.30 8.51 28.80
C SER B 543 20.51 6.98 28.64
N THR B 544 20.44 6.23 29.76
CA THR B 544 20.70 4.80 29.72
C THR B 544 19.50 3.89 29.96
N GLY B 545 19.56 2.71 29.34
CA GLY B 545 18.48 1.73 29.41
C GLY B 545 17.27 2.31 28.73
N GLY B 546 16.17 2.31 29.45
CA GLY B 546 14.94 2.91 28.93
C GLY B 546 14.59 4.21 29.60
N ALA B 547 15.56 4.88 30.28
CA ALA B 547 15.26 6.14 30.97
C ALA B 547 14.88 7.20 29.95
N PRO B 548 13.84 7.99 30.25
CA PRO B 548 13.38 8.98 29.26
C PRO B 548 14.42 10.03 28.88
N THR B 549 14.32 10.50 27.64
CA THR B 549 15.18 11.60 27.17
C THR B 549 14.26 12.79 26.81
N PHE B 550 14.84 13.99 26.80
CA PHE B 550 14.10 15.22 26.69
C PHE B 550 14.69 16.19 25.69
N ASN B 551 13.81 16.91 24.98
CA ASN B 551 14.26 17.91 24.02
C ASN B 551 14.68 19.20 24.73
N VAL B 552 15.68 19.88 24.18
CA VAL B 552 16.19 21.12 24.74
C VAL B 552 16.37 22.10 23.58
N THR B 553 16.07 23.36 23.80
CA THR B 553 16.41 24.42 22.84
C THR B 553 17.23 25.47 23.60
N VAL B 554 18.24 26.02 22.94
CA VAL B 554 19.06 27.12 23.45
C VAL B 554 18.92 28.22 22.40
N THR B 555 18.53 29.44 22.80
CA THR B 555 18.45 30.57 21.85
C THR B 555 19.39 31.66 22.37
N LYS B 556 20.18 32.24 21.49
CA LYS B 556 21.16 33.25 21.84
C LYS B 556 20.66 34.66 21.49
N THR B 557 20.71 35.55 22.47
CA THR B 557 20.38 36.96 22.32
C THR B 557 21.73 37.75 22.34
N ASP B 558 21.70 39.09 22.44
CA ASP B 558 22.92 39.90 22.47
CA ASP B 558 22.94 39.87 22.46
C ASP B 558 23.77 39.58 23.69
N LYS B 559 23.14 39.35 24.86
CA LYS B 559 23.88 39.09 26.09
C LYS B 559 23.54 37.79 26.79
N THR B 560 22.45 37.11 26.38
CA THR B 560 22.01 35.90 27.09
C THR B 560 21.84 34.66 26.20
N LEU B 561 21.76 33.50 26.85
CA LEU B 561 21.32 32.23 26.30
C LEU B 561 20.06 31.90 27.06
N VAL B 562 18.97 31.59 26.34
CA VAL B 562 17.73 31.19 26.97
C VAL B 562 17.70 29.68 26.74
N LEU B 563 17.58 28.89 27.81
CA LEU B 563 17.55 27.42 27.69
C LEU B 563 16.25 26.86 28.22
N LEU B 564 15.73 25.82 27.57
CA LEU B 564 14.48 25.22 28.00
C LEU B 564 14.55 23.72 27.77
N MET B 565 14.02 22.92 28.70
CA MET B 565 13.98 21.49 28.56
C MET B 565 12.55 21.03 28.72
N GLY B 566 12.04 20.28 27.75
CA GLY B 566 10.67 19.80 27.84
C GLY B 566 10.53 18.65 28.81
N LYS B 567 9.29 18.39 29.22
CA LYS B 567 8.96 17.21 30.00
C LYS B 567 8.94 16.02 29.02
N GLU B 568 8.81 14.79 29.54
CA GLU B 568 8.73 13.59 28.68
C GLU B 568 7.55 13.71 27.69
N GLY B 569 7.79 13.41 26.42
CA GLY B 569 6.75 13.42 25.40
C GLY B 569 6.50 14.77 24.75
N VAL B 570 7.08 15.84 25.28
CA VAL B 570 6.88 17.17 24.73
C VAL B 570 7.75 17.36 23.48
N HIS B 571 7.10 17.66 22.36
CA HIS B 571 7.80 17.81 21.08
C HIS B 571 8.79 18.95 21.03
N GLY B 572 9.90 18.72 20.34
CA GLY B 572 10.97 19.71 20.21
C GLY B 572 10.49 21.02 19.61
N GLY B 573 9.52 20.95 18.69
CA GLY B 573 9.01 22.16 18.06
C GLY B 573 8.33 23.12 19.02
N LEU B 574 7.62 22.58 20.00
CA LEU B 574 6.94 23.39 21.01
C LEU B 574 7.99 24.12 21.85
N ILE B 575 9.04 23.37 22.27
CA ILE B 575 10.09 23.96 23.11
C ILE B 575 10.86 25.02 22.33
N ASN B 576 11.16 24.75 21.05
CA ASN B 576 11.87 25.73 20.22
C ASN B 576 11.05 27.02 20.08
N LYS B 577 9.76 26.90 19.76
CA LYS B 577 8.87 28.07 19.62
C LYS B 577 8.83 28.92 20.92
N LYS B 578 8.70 28.28 22.09
CA LYS B 578 8.66 28.97 23.40
C LYS B 578 9.97 29.70 23.67
N CYS B 579 11.08 29.03 23.35
CA CYS B 579 12.39 29.60 23.57
C CYS B 579 12.61 30.82 22.66
N TYR B 580 12.18 30.71 21.41
CA TYR B 580 12.27 31.80 20.43
C TYR B 580 11.49 33.02 20.90
N GLU B 581 10.26 32.82 21.40
CA GLU B 581 9.43 33.93 21.83
C GLU B 581 10.04 34.67 23.01
N MET B 582 10.63 33.92 23.97
CA MET B 582 11.27 34.56 25.10
C MET B 582 12.50 35.36 24.64
N ALA B 583 13.31 34.78 23.77
CA ALA B 583 14.49 35.46 23.22
C ALA B 583 14.11 36.71 22.46
N SER B 584 13.00 36.68 21.72
CA SER B 584 12.53 37.87 20.99
C SER B 584 12.19 39.01 21.97
N HIS B 585 11.48 38.69 23.06
CA HIS B 585 11.14 39.65 24.09
C HIS B 585 12.44 40.24 24.71
N LEU B 586 13.43 39.39 25.02
CA LEU B 586 14.69 39.87 25.59
C LEU B 586 15.44 40.78 24.63
N ARG B 587 15.46 40.43 23.33
CA ARG B 587 16.11 41.26 22.32
C ARG B 587 15.47 42.64 22.19
N ARG B 588 14.14 42.73 22.36
CA ARG B 588 13.40 44.00 22.30
C ARG B 588 13.81 44.96 23.42
N SER B 589 14.27 44.42 24.57
CA SER B 589 14.72 45.21 25.70
C SER B 589 16.24 45.33 25.76
N GLN B 590 16.93 45.19 24.61
CA GLN B 590 18.38 45.28 24.46
C GLN B 590 19.16 44.21 25.24
N TYR B 591 18.57 43.01 25.44
CA TYR B 591 19.25 41.92 26.14
C TYR B 591 19.66 40.77 25.22
PB ADP C . 9.23 8.65 -4.74
O1B ADP C . 8.21 9.19 -5.67
O2B ADP C . 8.75 8.67 -3.28
O3B ADP C . 10.62 9.31 -4.94
PA ADP C . 8.78 5.76 -4.54
O1A ADP C . 7.29 5.94 -4.67
O2A ADP C . 9.24 5.40 -3.16
O3A ADP C . 9.45 7.10 -5.08
O5' ADP C . 9.24 4.65 -5.57
C5' ADP C . 8.99 4.72 -6.99
C4' ADP C . 10.12 4.00 -7.69
O4' ADP C . 10.24 2.65 -7.18
C3' ADP C . 9.97 3.89 -9.21
O3' ADP C . 11.23 4.15 -9.80
C2' ADP C . 9.52 2.43 -9.40
O2' ADP C . 9.90 1.90 -10.68
C1' ADP C . 10.28 1.74 -8.28
N9 ADP C . 9.71 0.48 -7.86
C8 ADP C . 8.42 0.24 -7.46
N7 ADP C . 8.17 -1.02 -7.20
C5 ADP C . 9.37 -1.66 -7.43
C6 ADP C . 9.75 -3.01 -7.40
N6 ADP C . 8.90 -4.01 -7.11
N1 ADP C . 11.01 -3.32 -7.75
C2 ADP C . 11.84 -2.34 -8.10
N3 ADP C . 11.60 -1.03 -8.18
C4 ADP C . 10.33 -0.75 -7.85
MG MG D . 9.54 9.02 -1.47
C TRS E . 10.88 -2.95 -29.07
C1 TRS E . 12.05 -3.73 -28.45
C2 TRS E . 10.06 -3.84 -30.00
C3 TRS E . 10.00 -2.34 -27.97
N TRS E . 11.44 -1.83 -29.90
O1 TRS E . 13.10 -3.99 -29.37
O2 TRS E . 9.46 -4.91 -29.30
O3 TRS E . 9.04 -1.42 -28.49
C1 GOL F . 28.03 -14.60 0.79
O1 GOL F . 28.67 -13.90 -0.27
C2 GOL F . 28.07 -13.81 2.09
O2 GOL F . 26.98 -14.22 2.93
C3 GOL F . 29.38 -13.96 2.81
O3 GOL F . 29.33 -13.37 4.10
C1 GOL G . 10.16 -5.48 12.50
O1 GOL G . 10.07 -4.05 12.39
C2 GOL G . 11.58 -5.94 12.31
O2 GOL G . 12.25 -6.00 13.58
C3 GOL G . 11.66 -7.28 11.60
O3 GOL G . 12.97 -7.50 11.08
C1 GOL H . 7.00 7.80 -27.67
O1 GOL H . 6.40 7.14 -26.56
C2 GOL H . 7.09 9.29 -27.46
O2 GOL H . 5.85 9.78 -26.93
C3 GOL H . 8.22 9.69 -26.56
O3 GOL H . 9.47 9.25 -27.09
C1 PEG I . 20.98 5.60 -19.23
O1 PEG I . 20.90 5.55 -20.64
C2 PEG I . 21.68 4.40 -18.66
O2 PEG I . 22.71 4.79 -17.77
C3 PEG I . 23.87 5.31 -18.44
C4 PEG I . 25.12 4.85 -17.74
O4 PEG I . 25.41 3.47 -17.99
O1 PEO J . 31.25 -5.33 -13.62
O2 PEO J . 32.00 -4.03 -13.74
O1 PEO K . 9.91 -6.95 8.11
O2 PEO K . 9.45 -5.79 8.92
O1 PEO L . 23.42 20.39 8.34
O2 PEO L . 24.34 20.41 9.68
O1 PEO M . -3.05 10.94 -12.35
O2 PEO M . -4.20 11.10 -11.47
O1 PEO N . 13.90 9.23 -17.16
O2 PEO N . 12.46 9.60 -16.83
O1 PEO O . 9.13 13.65 19.42
O2 PEO O . 9.80 12.78 18.41
O1 PEO P . 21.01 1.49 5.05
O2 PEO P . 20.32 1.87 6.43
S SO4 Q . -29.71 -16.84 -11.14
O1 SO4 Q . -30.80 -16.62 -10.20
O2 SO4 Q . -30.18 -16.59 -12.48
O3 SO4 Q . -28.62 -15.92 -10.82
O4 SO4 Q . -29.22 -18.23 -11.03
S SO4 R . -38.28 -16.97 -4.37
O1 SO4 R . -37.94 -16.62 -5.76
O2 SO4 R . -39.59 -17.64 -4.35
O3 SO4 R . -38.34 -15.74 -3.58
O4 SO4 R . -37.24 -17.86 -3.86
S SO4 S . -15.44 -33.86 -7.94
O1 SO4 S . -15.36 -34.56 -6.68
O2 SO4 S . -16.56 -34.39 -8.75
O3 SO4 S . -14.23 -34.05 -8.70
O4 SO4 S . -15.62 -32.42 -7.68
C TRS T . -20.45 -12.63 -14.08
C1 TRS T . -21.02 -11.45 -13.28
C2 TRS T . -21.45 -13.79 -14.07
C3 TRS T . -20.14 -12.20 -15.52
N TRS T . -19.17 -13.07 -13.43
O1 TRS T . -20.08 -10.39 -13.19
O2 TRS T . -21.57 -14.36 -12.77
O3 TRS T . -19.34 -13.15 -16.20
C1 PEG U . 7.10 38.70 29.30
O1 PEG U . 7.29 38.04 28.06
C2 PEG U . 7.81 37.99 30.41
O2 PEG U . 7.54 38.67 31.63
C3 PEG U . 8.15 38.06 32.76
C4 PEG U . 8.03 38.95 33.95
O4 PEG U . 6.67 39.15 34.30
C1 GOL V . -40.91 -26.92 -6.01
O1 GOL V . -42.17 -26.98 -5.37
C2 GOL V . -40.51 -25.49 -6.29
O2 GOL V . -39.28 -25.46 -7.02
C3 GOL V . -41.56 -24.73 -7.05
O3 GOL V . -41.13 -23.41 -7.31
O1 PEO W . -44.43 -20.54 -22.61
O2 PEO W . -45.89 -20.08 -22.36
O1 PEO X . -21.63 -18.50 -10.37
O2 PEO X . -22.16 -17.66 -11.51
O1 PEO Y . -39.71 -10.76 -25.53
O2 PEO Y . -40.48 -10.07 -24.46
O1 PEO Z . -46.60 -41.74 -25.49
O2 PEO Z . -46.17 -40.35 -24.98
O1 PEO AA . 28.51 29.11 35.91
O2 PEO AA . 29.54 30.18 36.35
O1 PEO BA . 15.95 2.59 32.41
O2 PEO BA . 14.51 2.84 32.76
O1 PEO CA . 23.45 4.60 27.73
O2 PEO CA . 24.88 4.28 27.87
#